data_5DWX
# 
_entry.id   5DWX 
# 
_audit_conform.dict_name       mmcif_pdbx.dic 
_audit_conform.dict_version    5.383 
_audit_conform.dict_location   http://mmcif.pdb.org/dictionaries/ascii/mmcif_pdbx.dic 
# 
loop_
_database_2.database_id 
_database_2.database_code 
_database_2.pdbx_database_accession 
_database_2.pdbx_DOI 
PDB   5DWX         pdb_00005dwx 10.2210/pdb5dwx/pdb 
WWPDB D_1000212366 ?            ?                   
# 
loop_
_pdbx_audit_revision_history.ordinal 
_pdbx_audit_revision_history.data_content_type 
_pdbx_audit_revision_history.major_revision 
_pdbx_audit_revision_history.minor_revision 
_pdbx_audit_revision_history.revision_date 
1 'Structure model' 1 0 2016-01-20 
2 'Structure model' 1 1 2016-02-10 
3 'Structure model' 1 2 2024-01-10 
# 
_pdbx_audit_revision_details.ordinal             1 
_pdbx_audit_revision_details.revision_ordinal    1 
_pdbx_audit_revision_details.data_content_type   'Structure model' 
_pdbx_audit_revision_details.provider            repository 
_pdbx_audit_revision_details.type                'Initial release' 
_pdbx_audit_revision_details.description         ? 
_pdbx_audit_revision_details.details             ? 
# 
loop_
_pdbx_audit_revision_group.ordinal 
_pdbx_audit_revision_group.revision_ordinal 
_pdbx_audit_revision_group.data_content_type 
_pdbx_audit_revision_group.group 
1 2 'Structure model' 'Database references'    
2 3 'Structure model' 'Data collection'        
3 3 'Structure model' 'Database references'    
4 3 'Structure model' 'Derived calculations'   
5 3 'Structure model' 'Refinement description' 
# 
loop_
_pdbx_audit_revision_category.ordinal 
_pdbx_audit_revision_category.revision_ordinal 
_pdbx_audit_revision_category.data_content_type 
_pdbx_audit_revision_category.category 
1 3 'Structure model' chem_comp_atom                
2 3 'Structure model' chem_comp_bond                
3 3 'Structure model' database_2                    
4 3 'Structure model' pdbx_initial_refinement_model 
5 3 'Structure model' pdbx_struct_conn_angle        
6 3 'Structure model' struct_conn                   
# 
loop_
_pdbx_audit_revision_item.ordinal 
_pdbx_audit_revision_item.revision_ordinal 
_pdbx_audit_revision_item.data_content_type 
_pdbx_audit_revision_item.item 
1  3 'Structure model' '_database_2.pdbx_DOI'                       
2  3 'Structure model' '_database_2.pdbx_database_accession'        
3  3 'Structure model' '_pdbx_struct_conn_angle.ptnr1_auth_seq_id'  
4  3 'Structure model' '_pdbx_struct_conn_angle.ptnr1_label_seq_id' 
5  3 'Structure model' '_pdbx_struct_conn_angle.ptnr3_auth_seq_id'  
6  3 'Structure model' '_pdbx_struct_conn_angle.ptnr3_label_seq_id' 
7  3 'Structure model' '_pdbx_struct_conn_angle.value'              
8  3 'Structure model' '_struct_conn.pdbx_dist_value'               
9  3 'Structure model' '_struct_conn.ptnr1_auth_seq_id'             
10 3 'Structure model' '_struct_conn.ptnr1_label_seq_id'            
11 3 'Structure model' '_struct_conn.ptnr2_auth_seq_id'             
12 3 'Structure model' '_struct_conn.ptnr2_label_asym_id'           
13 3 'Structure model' '_struct_conn.ptnr2_symmetry'                
# 
_pdbx_database_status.status_code                     REL 
_pdbx_database_status.status_code_sf                  REL 
_pdbx_database_status.status_code_mr                  ? 
_pdbx_database_status.entry_id                        5DWX 
_pdbx_database_status.recvd_initial_deposition_date   2015-09-23 
_pdbx_database_status.SG_entry                        N 
_pdbx_database_status.deposit_site                    RCSB 
_pdbx_database_status.process_site                    PDBE 
_pdbx_database_status.status_code_cs                  ? 
_pdbx_database_status.methods_development_category    ? 
_pdbx_database_status.pdb_format_compatible           Y 
_pdbx_database_status.status_code_nmr_data            ? 
# 
_pdbx_database_related.db_name        PDB 
_pdbx_database_related.details        'Quadruplex-Duplex construct with a different sequence' 
_pdbx_database_related.db_id          5DWW 
_pdbx_database_related.content_type   unspecified 
# 
loop_
_audit_author.name 
_audit_author.pdbx_ordinal 
'Parkinson, G.N.'  1 
'Russo Krauss, I.' 2 
# 
_citation.abstract                  ? 
_citation.abstract_id_CAS           ? 
_citation.book_id_ISBN              ? 
_citation.book_publisher            ? 
_citation.book_publisher_city       ? 
_citation.book_title                ? 
_citation.coordinate_linkage        ? 
_citation.country                   US 
_citation.database_id_Medline       ? 
_citation.details                   ? 
_citation.id                        primary 
_citation.journal_abbrev            J.Am.Chem.Soc. 
_citation.journal_id_ASTM           JACSAT 
_citation.journal_id_CSD            ? 
_citation.journal_id_ISSN           1520-5126 
_citation.journal_full              ? 
_citation.journal_issue             ? 
_citation.journal_volume            138 
_citation.language                  ? 
_citation.page_first                1226 
_citation.page_last                 1233 
_citation.title                     
;Structural Insights into the Quadruplex-Duplex 3' Interface Formed from a Telomeric Repeat: A Potential Molecular Target.
;
_citation.year                      2016 
_citation.database_id_CSD           ? 
_citation.pdbx_database_id_DOI      10.1021/jacs.5b10492 
_citation.pdbx_database_id_PubMed   26730610 
_citation.unpublished_flag          ? 
# 
loop_
_citation_author.citation_id 
_citation_author.name 
_citation_author.ordinal 
_citation_author.identifier_ORCID 
primary 'Russo Krauss, I.' 1 ? 
primary 'Ramaswamy, S.'    2 ? 
primary 'Neidle, S.'       3 ? 
primary 'Haider, S.'       4 ? 
primary 'Parkinson, G.N.'  5 ? 
# 
loop_
_entity.id 
_entity.type 
_entity.src_method 
_entity.pdbx_description 
_entity.formula_weight 
_entity.pdbx_number_of_molecules 
_entity.pdbx_ec 
_entity.pdbx_mutation 
_entity.pdbx_fragment 
_entity.details 
1 polymer     syn 'DNA (24-MER)'             7608.870 1 ? ? ? ? 
2 polymer     syn 'DNA complementary strand' 2410.618 1 ? ? ? ? 
3 non-polymer syn 'POTASSIUM ION'            39.098   3 ? ? ? ? 
# 
loop_
_entity_poly.entity_id 
_entity_poly.type 
_entity_poly.nstd_linkage 
_entity_poly.nstd_monomer 
_entity_poly.pdbx_seq_one_letter_code 
_entity_poly.pdbx_seq_one_letter_code_can 
_entity_poly.pdbx_strand_id 
_entity_poly.pdbx_target_identifier 
1 polydeoxyribonucleotide no no 
;(DG)(DG)(DG)(DT)(DG)(DG)(DG)(DT)(DG)(DG)(DG)(DT)(DG)(DG)(DG)(DT)(DT)(DA)(DG)(DC)
(DG)(DT)(DT)(DA)
;
GGGTGGGTGGGTGGGTTAGCGTTA A ? 
2 polydeoxyribonucleotide no no '(DT)(DA)(DA)(DC)(DG)(DC)(DT)(DA)' TAACGCTA                 B ? 
# 
_pdbx_entity_nonpoly.entity_id   3 
_pdbx_entity_nonpoly.name        'POTASSIUM ION' 
_pdbx_entity_nonpoly.comp_id     K 
# 
loop_
_entity_poly_seq.entity_id 
_entity_poly_seq.num 
_entity_poly_seq.mon_id 
_entity_poly_seq.hetero 
1 1  DG n 
1 2  DG n 
1 3  DG n 
1 4  DT n 
1 5  DG n 
1 6  DG n 
1 7  DG n 
1 8  DT n 
1 9  DG n 
1 10 DG n 
1 11 DG n 
1 12 DT n 
1 13 DG n 
1 14 DG n 
1 15 DG n 
1 16 DT n 
1 17 DT n 
1 18 DA n 
1 19 DG n 
1 20 DC n 
1 21 DG n 
1 22 DT n 
1 23 DT n 
1 24 DA n 
2 1  DT n 
2 2  DA n 
2 3  DA n 
2 4  DC n 
2 5  DG n 
2 6  DC n 
2 7  DT n 
2 8  DA n 
# 
loop_
_pdbx_entity_src_syn.entity_id 
_pdbx_entity_src_syn.pdbx_src_id 
_pdbx_entity_src_syn.pdbx_alt_source_flag 
_pdbx_entity_src_syn.pdbx_beg_seq_num 
_pdbx_entity_src_syn.pdbx_end_seq_num 
_pdbx_entity_src_syn.organism_scientific 
_pdbx_entity_src_syn.organism_common_name 
_pdbx_entity_src_syn.ncbi_taxonomy_id 
_pdbx_entity_src_syn.details 
1 1 sample 1 24 'synthetic construct' ? 32630 ? 
2 1 sample 1 8  'synthetic construct' ? 32630 ? 
# 
loop_
_chem_comp.id 
_chem_comp.type 
_chem_comp.mon_nstd_flag 
_chem_comp.name 
_chem_comp.pdbx_synonyms 
_chem_comp.formula 
_chem_comp.formula_weight 
DA 'DNA linking' y "2'-DEOXYADENOSINE-5'-MONOPHOSPHATE" ? 'C10 H14 N5 O6 P' 331.222 
DC 'DNA linking' y "2'-DEOXYCYTIDINE-5'-MONOPHOSPHATE"  ? 'C9 H14 N3 O7 P'  307.197 
DG 'DNA linking' y "2'-DEOXYGUANOSINE-5'-MONOPHOSPHATE" ? 'C10 H14 N5 O7 P' 347.221 
DT 'DNA linking' y "THYMIDINE-5'-MONOPHOSPHATE"         ? 'C10 H15 N2 O8 P' 322.208 
K  non-polymer   . 'POTASSIUM ION'                      ? 'K 1'             39.098  
# 
loop_
_pdbx_poly_seq_scheme.asym_id 
_pdbx_poly_seq_scheme.entity_id 
_pdbx_poly_seq_scheme.seq_id 
_pdbx_poly_seq_scheme.mon_id 
_pdbx_poly_seq_scheme.ndb_seq_num 
_pdbx_poly_seq_scheme.pdb_seq_num 
_pdbx_poly_seq_scheme.auth_seq_num 
_pdbx_poly_seq_scheme.pdb_mon_id 
_pdbx_poly_seq_scheme.auth_mon_id 
_pdbx_poly_seq_scheme.pdb_strand_id 
_pdbx_poly_seq_scheme.pdb_ins_code 
_pdbx_poly_seq_scheme.hetero 
A 1 1  DG 1  1  1  DG DG A . n 
A 1 2  DG 2  2  2  DG DG A . n 
A 1 3  DG 3  3  3  DG DG A . n 
A 1 4  DT 4  4  4  DT DT A . n 
A 1 5  DG 5  5  5  DG DG A . n 
A 1 6  DG 6  6  6  DG DG A . n 
A 1 7  DG 7  7  7  DG DG A . n 
A 1 8  DT 8  8  8  DT DT A . n 
A 1 9  DG 9  9  9  DG DG A . n 
A 1 10 DG 10 10 10 DG DG A . n 
A 1 11 DG 11 11 11 DG DG A . n 
A 1 12 DT 12 12 12 DT DT A . n 
A 1 13 DG 13 13 13 DG DG A . n 
A 1 14 DG 14 14 14 DG DG A . n 
A 1 15 DG 15 15 15 DG DG A . n 
A 1 16 DT 16 16 16 DT DT A . n 
A 1 17 DT 17 17 17 DT DT A . n 
A 1 18 DA 18 18 18 DA DA A . n 
A 1 19 DG 19 19 19 DG DG A . n 
A 1 20 DC 20 20 20 DC DC A . n 
A 1 21 DG 21 21 ?  ?  ?  A . n 
A 1 22 DT 22 22 ?  ?  ?  A . n 
A 1 23 DT 23 23 ?  ?  ?  A . n 
A 1 24 DA 24 24 ?  ?  ?  A . n 
B 2 1  DT 1  1  ?  ?  ?  B . n 
B 2 2  DA 2  2  ?  ?  ?  B . n 
B 2 3  DA 3  3  ?  ?  ?  B . n 
B 2 4  DC 4  4  ?  ?  ?  B . n 
B 2 5  DG 5  5  5  DG DG B . n 
B 2 6  DC 6  6  6  DC DC B . n 
B 2 7  DT 7  7  7  DT DT B . n 
B 2 8  DA 8  8  8  DA DA B . n 
# 
loop_
_pdbx_nonpoly_scheme.asym_id 
_pdbx_nonpoly_scheme.entity_id 
_pdbx_nonpoly_scheme.mon_id 
_pdbx_nonpoly_scheme.ndb_seq_num 
_pdbx_nonpoly_scheme.pdb_seq_num 
_pdbx_nonpoly_scheme.auth_seq_num 
_pdbx_nonpoly_scheme.pdb_mon_id 
_pdbx_nonpoly_scheme.auth_mon_id 
_pdbx_nonpoly_scheme.pdb_strand_id 
_pdbx_nonpoly_scheme.pdb_ins_code 
C 3 K 1 101 1 K K A . 
D 3 K 1 102 2 K K A . 
E 3 K 1 103 3 K K A . 
# 
loop_
_pdbx_unobs_or_zero_occ_atoms.id 
_pdbx_unobs_or_zero_occ_atoms.PDB_model_num 
_pdbx_unobs_or_zero_occ_atoms.polymer_flag 
_pdbx_unobs_or_zero_occ_atoms.occupancy_flag 
_pdbx_unobs_or_zero_occ_atoms.auth_asym_id 
_pdbx_unobs_or_zero_occ_atoms.auth_comp_id 
_pdbx_unobs_or_zero_occ_atoms.auth_seq_id 
_pdbx_unobs_or_zero_occ_atoms.PDB_ins_code 
_pdbx_unobs_or_zero_occ_atoms.auth_atom_id 
_pdbx_unobs_or_zero_occ_atoms.label_alt_id 
_pdbx_unobs_or_zero_occ_atoms.label_asym_id 
_pdbx_unobs_or_zero_occ_atoms.label_comp_id 
_pdbx_unobs_or_zero_occ_atoms.label_seq_id 
_pdbx_unobs_or_zero_occ_atoms.label_atom_id 
1 1 Y 1 B DG 5 ? P   ? B DG 5 P   
2 1 Y 1 B DG 5 ? OP1 ? B DG 5 OP1 
3 1 Y 1 B DG 5 ? OP2 ? B DG 5 OP2 
# 
loop_
_software.citation_id 
_software.classification 
_software.compiler_name 
_software.compiler_version 
_software.contact_author 
_software.contact_author_email 
_software.date 
_software.description 
_software.dependencies 
_software.hardware 
_software.language 
_software.location 
_software.mods 
_software.name 
_software.os 
_software.os_version 
_software.type 
_software.version 
_software.pdbx_ordinal 
? refinement       ? ? ? ? ? ? ? ? ? ? ? REFMAC ? ? ? 5.8.0049 1 
? 'data reduction' ? ? ? ? ? ? ? ? ? ? ? xia2   ? ? ? .        2 
? 'data scaling'   ? ? ? ? ? ? ? ? ? ? ? SCALA  ? ? ? .        3 
? phasing          ? ? ? ? ? ? ? ? ? ? ? PHASER ? ? ? .        4 
# 
_cell.angle_alpha                  90.00 
_cell.angle_alpha_esd              ? 
_cell.angle_beta                   90.00 
_cell.angle_beta_esd               ? 
_cell.angle_gamma                  90.00 
_cell.angle_gamma_esd              ? 
_cell.entry_id                     5DWX 
_cell.details                      ? 
_cell.formula_units_Z              ? 
_cell.length_a                     59.830 
_cell.length_a_esd                 ? 
_cell.length_b                     59.830 
_cell.length_b_esd                 ? 
_cell.length_c                     72.310 
_cell.length_c_esd                 ? 
_cell.volume                       ? 
_cell.volume_esd                   ? 
_cell.Z_PDB                        8 
_cell.reciprocal_angle_alpha       ? 
_cell.reciprocal_angle_beta        ? 
_cell.reciprocal_angle_gamma       ? 
_cell.reciprocal_angle_alpha_esd   ? 
_cell.reciprocal_angle_beta_esd    ? 
_cell.reciprocal_angle_gamma_esd   ? 
_cell.reciprocal_length_a          ? 
_cell.reciprocal_length_b          ? 
_cell.reciprocal_length_c          ? 
_cell.reciprocal_length_a_esd      ? 
_cell.reciprocal_length_b_esd      ? 
_cell.reciprocal_length_c_esd      ? 
_cell.pdbx_unique_axis             ? 
# 
_symmetry.entry_id                         5DWX 
_symmetry.cell_setting                     ? 
_symmetry.Int_Tables_number                90 
_symmetry.space_group_name_Hall            ? 
_symmetry.space_group_name_H-M             'P 4 21 2' 
_symmetry.pdbx_full_space_group_name_H-M   ? 
# 
_exptl.absorpt_coefficient_mu     ? 
_exptl.absorpt_correction_T_max   ? 
_exptl.absorpt_correction_T_min   ? 
_exptl.absorpt_correction_type    ? 
_exptl.absorpt_process_details    ? 
_exptl.entry_id                   5DWX 
_exptl.crystals_number            ? 
_exptl.details                    ? 
_exptl.method                     'X-RAY DIFFRACTION' 
_exptl.method_details             ? 
# 
_exptl_crystal.colour                      ? 
_exptl_crystal.density_diffrn              ? 
_exptl_crystal.density_Matthews            3.10 
_exptl_crystal.density_method              ? 
_exptl_crystal.density_percent_sol         61.91 
_exptl_crystal.description                 ? 
_exptl_crystal.F_000                       ? 
_exptl_crystal.id                          1 
_exptl_crystal.preparation                 ? 
_exptl_crystal.size_max                    ? 
_exptl_crystal.size_mid                    ? 
_exptl_crystal.size_min                    ? 
_exptl_crystal.size_rad                    ? 
_exptl_crystal.colour_lustre               ? 
_exptl_crystal.colour_modifier             ? 
_exptl_crystal.colour_primary              ? 
_exptl_crystal.density_meas                ? 
_exptl_crystal.density_meas_esd            ? 
_exptl_crystal.density_meas_gt             ? 
_exptl_crystal.density_meas_lt             ? 
_exptl_crystal.density_meas_temp           ? 
_exptl_crystal.density_meas_temp_esd       ? 
_exptl_crystal.density_meas_temp_gt        ? 
_exptl_crystal.density_meas_temp_lt        ? 
_exptl_crystal.pdbx_crystal_image_url      ? 
_exptl_crystal.pdbx_crystal_image_format   ? 
_exptl_crystal.pdbx_mosaicity              ? 
_exptl_crystal.pdbx_mosaicity_esd          ? 
# 
_exptl_crystal_grow.apparatus       ? 
_exptl_crystal_grow.atmosphere      ? 
_exptl_crystal_grow.crystal_id      1 
_exptl_crystal_grow.details         ? 
_exptl_crystal_grow.method          'VAPOR DIFFUSION, HANGING DROP' 
_exptl_crystal_grow.method_ref      ? 
_exptl_crystal_grow.pH              8.8 
_exptl_crystal_grow.pressure        ? 
_exptl_crystal_grow.pressure_esd    ? 
_exptl_crystal_grow.seeding         ? 
_exptl_crystal_grow.seeding_ref     ? 
_exptl_crystal_grow.temp            285 
_exptl_crystal_grow.temp_details    ? 
_exptl_crystal_grow.temp_esd        ? 
_exptl_crystal_grow.time            ? 
_exptl_crystal_grow.pdbx_details    '2 M lithium sulphate, 50 mM Tris/HCl pH 8.8 2 mM CuCl2' 
_exptl_crystal_grow.pdbx_pH_range   ? 
# 
_diffrn.ambient_environment    ? 
_diffrn.ambient_temp           100 
_diffrn.ambient_temp_details   ? 
_diffrn.ambient_temp_esd       ? 
_diffrn.crystal_id             1 
_diffrn.crystal_support        ? 
_diffrn.crystal_treatment      ? 
_diffrn.details                ? 
_diffrn.id                     1 
_diffrn.ambient_pressure       ? 
_diffrn.ambient_pressure_esd   ? 
_diffrn.ambient_pressure_gt    ? 
_diffrn.ambient_pressure_lt    ? 
_diffrn.ambient_temp_gt        ? 
_diffrn.ambient_temp_lt        ? 
# 
_diffrn_detector.details                      ? 
_diffrn_detector.detector                     CCD 
_diffrn_detector.diffrn_id                    1 
_diffrn_detector.type                         'ADSC QUANTUM 315' 
_diffrn_detector.area_resol_mean              ? 
_diffrn_detector.dtime                        ? 
_diffrn_detector.pdbx_frames_total            ? 
_diffrn_detector.pdbx_collection_time_total   ? 
_diffrn_detector.pdbx_collection_date         2011-12-15 
# 
_diffrn_radiation.collimation                      ? 
_diffrn_radiation.diffrn_id                        1 
_diffrn_radiation.filter_edge                      ? 
_diffrn_radiation.inhomogeneity                    ? 
_diffrn_radiation.monochromator                    ? 
_diffrn_radiation.polarisn_norm                    ? 
_diffrn_radiation.polarisn_ratio                   ? 
_diffrn_radiation.probe                            ? 
_diffrn_radiation.type                             ? 
_diffrn_radiation.xray_symbol                      ? 
_diffrn_radiation.wavelength_id                    1 
_diffrn_radiation.pdbx_monochromatic_or_laue_m_l   M 
_diffrn_radiation.pdbx_wavelength_list             ? 
_diffrn_radiation.pdbx_wavelength                  ? 
_diffrn_radiation.pdbx_diffrn_protocol             'SINGLE WAVELENGTH' 
_diffrn_radiation.pdbx_analyzer                    ? 
_diffrn_radiation.pdbx_scattering_type             x-ray 
# 
_diffrn_radiation_wavelength.id           1 
_diffrn_radiation_wavelength.wavelength   0.9795 
_diffrn_radiation_wavelength.wt           1.0 
# 
_diffrn_source.current                     ? 
_diffrn_source.details                     ? 
_diffrn_source.diffrn_id                   1 
_diffrn_source.power                       ? 
_diffrn_source.size                        ? 
_diffrn_source.source                      SYNCHROTRON 
_diffrn_source.target                      ? 
_diffrn_source.type                        'DIAMOND BEAMLINE I04' 
_diffrn_source.voltage                     ? 
_diffrn_source.take-off_angle              ? 
_diffrn_source.pdbx_wavelength_list        0.9795 
_diffrn_source.pdbx_wavelength             ? 
_diffrn_source.pdbx_synchrotron_beamline   I04 
_diffrn_source.pdbx_synchrotron_site       Diamond 
# 
_reflns.B_iso_Wilson_estimate            ? 
_reflns.entry_id                         5DWX 
_reflns.data_reduction_details           ? 
_reflns.data_reduction_method            ? 
_reflns.d_resolution_high                2.71 
_reflns.d_resolution_low                 42.31 
_reflns.details                          ? 
_reflns.limit_h_max                      ? 
_reflns.limit_h_min                      ? 
_reflns.limit_k_max                      ? 
_reflns.limit_k_min                      ? 
_reflns.limit_l_max                      ? 
_reflns.limit_l_min                      ? 
_reflns.number_all                       ? 
_reflns.number_obs                       3820 
_reflns.observed_criterion               ? 
_reflns.observed_criterion_F_max         ? 
_reflns.observed_criterion_F_min         ? 
_reflns.observed_criterion_I_max         ? 
_reflns.observed_criterion_I_min         ? 
_reflns.observed_criterion_sigma_F       ? 
_reflns.observed_criterion_sigma_I       ? 
_reflns.percent_possible_obs             98.2 
_reflns.R_free_details                   ? 
_reflns.Rmerge_F_all                     ? 
_reflns.Rmerge_F_obs                     ? 
_reflns.Friedel_coverage                 ? 
_reflns.number_gt                        ? 
_reflns.threshold_expression             ? 
_reflns.pdbx_redundancy                  6.6 
_reflns.pdbx_Rmerge_I_obs                0.134 
_reflns.pdbx_Rmerge_I_all                ? 
_reflns.pdbx_Rsym_value                  ? 
_reflns.pdbx_netI_over_av_sigmaI         ? 
_reflns.pdbx_netI_over_sigmaI            12.3 
_reflns.pdbx_res_netI_over_av_sigmaI_2   ? 
_reflns.pdbx_res_netI_over_sigmaI_2      ? 
_reflns.pdbx_chi_squared                 ? 
_reflns.pdbx_scaling_rejects             ? 
_reflns.pdbx_d_res_high_opt              ? 
_reflns.pdbx_d_res_low_opt               ? 
_reflns.pdbx_d_res_opt_method            ? 
_reflns.phase_calculation_details        ? 
_reflns.pdbx_Rrim_I_all                  ? 
_reflns.pdbx_Rpim_I_all                  ? 
_reflns.pdbx_d_opt                       ? 
_reflns.pdbx_number_measured_all         ? 
_reflns.pdbx_diffrn_id                   1 
_reflns.pdbx_ordinal                     1 
_reflns.pdbx_CC_half                     ? 
_reflns.pdbx_R_split                     ? 
# 
_reflns_shell.d_res_high                  2.71 
_reflns_shell.d_res_low                   2.78 
_reflns_shell.meanI_over_sigI_all         ? 
_reflns_shell.meanI_over_sigI_obs         ? 
_reflns_shell.number_measured_all         ? 
_reflns_shell.number_measured_obs         ? 
_reflns_shell.number_possible             ? 
_reflns_shell.number_unique_all           ? 
_reflns_shell.number_unique_obs           ? 
_reflns_shell.percent_possible_all        97.0 
_reflns_shell.percent_possible_obs        ? 
_reflns_shell.Rmerge_F_all                ? 
_reflns_shell.Rmerge_F_obs                ? 
_reflns_shell.Rmerge_I_all                ? 
_reflns_shell.Rmerge_I_obs                0.93 
_reflns_shell.meanI_over_sigI_gt          ? 
_reflns_shell.meanI_over_uI_all           ? 
_reflns_shell.meanI_over_uI_gt            ? 
_reflns_shell.number_measured_gt          ? 
_reflns_shell.number_unique_gt            ? 
_reflns_shell.percent_possible_gt         ? 
_reflns_shell.Rmerge_F_gt                 ? 
_reflns_shell.Rmerge_I_gt                 ? 
_reflns_shell.pdbx_redundancy             6.8 
_reflns_shell.pdbx_Rsym_value             ? 
_reflns_shell.pdbx_chi_squared            ? 
_reflns_shell.pdbx_netI_over_sigmaI_all   ? 
_reflns_shell.pdbx_netI_over_sigmaI_obs   ? 
_reflns_shell.pdbx_Rrim_I_all             ? 
_reflns_shell.pdbx_Rpim_I_all             ? 
_reflns_shell.pdbx_rejects                ? 
_reflns_shell.pdbx_ordinal                1 
_reflns_shell.pdbx_diffrn_id              1 
_reflns_shell.pdbx_CC_half                ? 
_reflns_shell.pdbx_R_split                ? 
# 
_refine.aniso_B[1][1]                            0.14 
_refine.aniso_B[1][2]                            0.00 
_refine.aniso_B[1][3]                            -0.00 
_refine.aniso_B[2][2]                            0.14 
_refine.aniso_B[2][3]                            -0.00 
_refine.aniso_B[3][3]                            -0.28 
_refine.B_iso_max                                ? 
_refine.B_iso_mean                               52.180 
_refine.B_iso_min                                ? 
_refine.correlation_coeff_Fo_to_Fc               0.908 
_refine.correlation_coeff_Fo_to_Fc_free          0.864 
_refine.details                                  'HYDROGENS HAVE BEEN ADDED IN THE RIDING POSITIONS' 
_refine.diff_density_max                         ? 
_refine.diff_density_max_esd                     ? 
_refine.diff_density_min                         ? 
_refine.diff_density_min_esd                     ? 
_refine.diff_density_rms                         ? 
_refine.diff_density_rms_esd                     ? 
_refine.entry_id                                 5DWX 
_refine.pdbx_refine_id                           'X-RAY DIFFRACTION' 
_refine.ls_abs_structure_details                 ? 
_refine.ls_abs_structure_Flack                   ? 
_refine.ls_abs_structure_Flack_esd               ? 
_refine.ls_abs_structure_Rogers                  ? 
_refine.ls_abs_structure_Rogers_esd              ? 
_refine.ls_d_res_high                            2.71 
_refine.ls_d_res_low                             20.00 
_refine.ls_extinction_coef                       ? 
_refine.ls_extinction_coef_esd                   ? 
_refine.ls_extinction_expression                 ? 
_refine.ls_extinction_method                     ? 
_refine.ls_goodness_of_fit_all                   ? 
_refine.ls_goodness_of_fit_all_esd               ? 
_refine.ls_goodness_of_fit_obs                   ? 
_refine.ls_goodness_of_fit_obs_esd               ? 
_refine.ls_hydrogen_treatment                    ? 
_refine.ls_matrix_type                           ? 
_refine.ls_number_constraints                    ? 
_refine.ls_number_parameters                     ? 
_refine.ls_number_reflns_all                     ? 
_refine.ls_number_reflns_obs                     3632 
_refine.ls_number_reflns_R_free                  170 
_refine.ls_number_reflns_R_work                  ? 
_refine.ls_number_restraints                     ? 
_refine.ls_percent_reflns_obs                    97.61 
_refine.ls_percent_reflns_R_free                 4.5 
_refine.ls_R_factor_all                          ? 
_refine.ls_R_factor_obs                          0.28669 
_refine.ls_R_factor_R_free                       0.32705 
_refine.ls_R_factor_R_free_error                 ? 
_refine.ls_R_factor_R_free_error_details         ? 
_refine.ls_R_factor_R_work                       0.28462 
_refine.ls_R_Fsqd_factor_obs                     ? 
_refine.ls_R_I_factor_obs                        ? 
_refine.ls_redundancy_reflns_all                 ? 
_refine.ls_redundancy_reflns_obs                 ? 
_refine.ls_restrained_S_all                      ? 
_refine.ls_restrained_S_obs                      ? 
_refine.ls_shift_over_esd_max                    ? 
_refine.ls_shift_over_esd_mean                   ? 
_refine.ls_structure_factor_coef                 ? 
_refine.ls_weighting_details                     ? 
_refine.ls_weighting_scheme                      ? 
_refine.ls_wR_factor_all                         ? 
_refine.ls_wR_factor_obs                         ? 
_refine.ls_wR_factor_R_free                      ? 
_refine.ls_wR_factor_R_work                      ? 
_refine.occupancy_max                            ? 
_refine.occupancy_min                            ? 
_refine.solvent_model_details                    MASK 
_refine.solvent_model_param_bsol                 ? 
_refine.solvent_model_param_ksol                 ? 
_refine.ls_R_factor_gt                           ? 
_refine.ls_goodness_of_fit_gt                    ? 
_refine.ls_goodness_of_fit_ref                   ? 
_refine.ls_shift_over_su_max                     ? 
_refine.ls_shift_over_su_max_lt                  ? 
_refine.ls_shift_over_su_mean                    ? 
_refine.ls_shift_over_su_mean_lt                 ? 
_refine.pdbx_ls_sigma_I                          ? 
_refine.pdbx_ls_sigma_F                          ? 
_refine.pdbx_ls_sigma_Fsqd                       ? 
_refine.pdbx_data_cutoff_high_absF               ? 
_refine.pdbx_data_cutoff_high_rms_absF           ? 
_refine.pdbx_data_cutoff_low_absF                ? 
_refine.pdbx_isotropic_thermal_model             ? 
_refine.pdbx_ls_cross_valid_method               THROUGHOUT 
_refine.pdbx_method_to_determine_struct          'MOLECULAR REPLACEMENT' 
_refine.pdbx_starting_model                      1KF1 
_refine.pdbx_stereochemistry_target_values       'MAXIMUM LIKELIHOOD' 
_refine.pdbx_R_Free_selection_details            RANDOM 
_refine.pdbx_stereochem_target_val_spec_case     ? 
_refine.pdbx_overall_ESU_R                       0.442 
_refine.pdbx_overall_ESU_R_Free                  0.338 
_refine.pdbx_solvent_vdw_probe_radii             1.20 
_refine.pdbx_solvent_ion_probe_radii             0.80 
_refine.pdbx_solvent_shrinkage_radii             0.80 
_refine.pdbx_real_space_R                        ? 
_refine.pdbx_density_correlation                 ? 
_refine.pdbx_pd_number_of_powder_patterns        ? 
_refine.pdbx_pd_number_of_points                 ? 
_refine.pdbx_pd_meas_number_of_points            ? 
_refine.pdbx_pd_proc_ls_prof_R_factor            ? 
_refine.pdbx_pd_proc_ls_prof_wR_factor           ? 
_refine.pdbx_pd_Marquardt_correlation_coeff      ? 
_refine.pdbx_pd_Fsqrd_R_factor                   ? 
_refine.pdbx_pd_ls_matrix_band_width             ? 
_refine.pdbx_overall_phase_error                 ? 
_refine.pdbx_overall_SU_R_free_Cruickshank_DPI   ? 
_refine.pdbx_overall_SU_R_free_Blow_DPI          ? 
_refine.pdbx_overall_SU_R_Blow_DPI               ? 
_refine.pdbx_TLS_residual_ADP_flag               ? 
_refine.pdbx_diffrn_id                           1 
_refine.overall_SU_B                             11.596 
_refine.overall_SU_ML                            0.238 
_refine.overall_SU_R_Cruickshank_DPI             ? 
_refine.overall_SU_R_free                        ? 
_refine.overall_FOM_free_R_set                   ? 
_refine.overall_FOM_work_R_set                   ? 
_refine.pdbx_average_fsc_overall                 ? 
_refine.pdbx_average_fsc_work                    ? 
_refine.pdbx_average_fsc_free                    ? 
# 
_refine_hist.pdbx_refine_id                   'X-RAY DIFFRACTION' 
_refine_hist.cycle_id                         1 
_refine_hist.pdbx_number_atoms_protein        0 
_refine_hist.pdbx_number_atoms_nucleic_acid   502 
_refine_hist.pdbx_number_atoms_ligand         3 
_refine_hist.number_atoms_solvent             0 
_refine_hist.number_atoms_total               505 
_refine_hist.d_res_high                       2.71 
_refine_hist.d_res_low                        20.00 
# 
loop_
_refine_ls_restr.pdbx_refine_id 
_refine_ls_restr.criterion 
_refine_ls_restr.dev_ideal 
_refine_ls_restr.dev_ideal_target 
_refine_ls_restr.number 
_refine_ls_restr.rejects 
_refine_ls_restr.type 
_refine_ls_restr.weight 
_refine_ls_restr.pdbx_restraint_function 
'X-RAY DIFFRACTION' ? 0.006  0.011  564  ? r_bond_refined_d             ? ? 
'X-RAY DIFFRACTION' ? 0.001  0.020  272  ? r_bond_other_d               ? ? 
'X-RAY DIFFRACTION' ? 1.285  1.140  872  ? r_angle_refined_deg          ? ? 
'X-RAY DIFFRACTION' ? 2.338  3.000  644  ? r_angle_other_deg            ? ? 
'X-RAY DIFFRACTION' ? ?      ?      ?    ? r_dihedral_angle_1_deg       ? ? 
'X-RAY DIFFRACTION' ? ?      ?      ?    ? r_dihedral_angle_2_deg       ? ? 
'X-RAY DIFFRACTION' ? ?      ?      ?    ? r_dihedral_angle_3_deg       ? ? 
'X-RAY DIFFRACTION' ? ?      ?      ?    ? r_dihedral_angle_4_deg       ? ? 
'X-RAY DIFFRACTION' ? 0.222  0.200  72   ? r_chiral_restr               ? ? 
'X-RAY DIFFRACTION' ? 0.025  0.020  300  ? r_gen_planes_refined         ? ? 
'X-RAY DIFFRACTION' ? 0.002  0.020  116  ? r_gen_planes_other           ? ? 
'X-RAY DIFFRACTION' ? ?      ?      ?    ? r_nbd_refined                ? ? 
'X-RAY DIFFRACTION' ? ?      ?      ?    ? r_nbd_other                  ? ? 
'X-RAY DIFFRACTION' ? ?      ?      ?    ? r_nbtor_refined              ? ? 
'X-RAY DIFFRACTION' ? ?      ?      ?    ? r_nbtor_other                ? ? 
'X-RAY DIFFRACTION' ? ?      ?      ?    ? r_xyhbond_nbd_refined        ? ? 
'X-RAY DIFFRACTION' ? ?      ?      ?    ? r_xyhbond_nbd_other          ? ? 
'X-RAY DIFFRACTION' ? ?      ?      ?    ? r_metal_ion_refined          ? ? 
'X-RAY DIFFRACTION' ? ?      ?      ?    ? r_metal_ion_other            ? ? 
'X-RAY DIFFRACTION' ? ?      ?      ?    ? r_symmetry_vdw_refined       ? ? 
'X-RAY DIFFRACTION' ? ?      ?      ?    ? r_symmetry_vdw_other         ? ? 
'X-RAY DIFFRACTION' ? ?      ?      ?    ? r_symmetry_hbond_refined     ? ? 
'X-RAY DIFFRACTION' ? ?      ?      ?    ? r_symmetry_hbond_other       ? ? 
'X-RAY DIFFRACTION' ? ?      ?      ?    ? r_symmetry_metal_ion_refined ? ? 
'X-RAY DIFFRACTION' ? ?      ?      ?    ? r_symmetry_metal_ion_other   ? ? 
'X-RAY DIFFRACTION' ? ?      ?      ?    ? r_mcbond_it                  ? ? 
'X-RAY DIFFRACTION' ? ?      ?      ?    ? r_mcbond_other               ? ? 
'X-RAY DIFFRACTION' ? ?      ?      ?    ? r_mcangle_it                 ? ? 
'X-RAY DIFFRACTION' ? ?      ?      ?    ? r_mcangle_other              ? ? 
'X-RAY DIFFRACTION' ? 6.668  5.291  564  ? r_scbond_it                  ? ? 
'X-RAY DIFFRACTION' ? 6.662  5.293  565  ? r_scbond_other               ? ? 
'X-RAY DIFFRACTION' ? ?      ?      ?    ? r_scangle_it                 ? ? 
'X-RAY DIFFRACTION' ? 9.869  7.900  873  ? r_scangle_other              ? ? 
'X-RAY DIFFRACTION' ? 15.390 47.545 2414 ? r_long_range_B_refined       ? ? 
'X-RAY DIFFRACTION' ? 15.392 47.571 2413 ? r_long_range_B_other         ? ? 
'X-RAY DIFFRACTION' ? ?      ?      ?    ? r_rigid_bond_restr           ? ? 
'X-RAY DIFFRACTION' ? ?      ?      ?    ? r_sphericity_free            ? ? 
'X-RAY DIFFRACTION' ? ?      ?      ?    ? r_sphericity_bonded          ? ? 
# 
_refine_ls_shell.pdbx_refine_id                   'X-RAY DIFFRACTION' 
_refine_ls_shell.d_res_high                       2.711 
_refine_ls_shell.d_res_low                        2.780 
_refine_ls_shell.number_reflns_all                ? 
_refine_ls_shell.number_reflns_obs                ? 
_refine_ls_shell.number_reflns_R_free             10 
_refine_ls_shell.number_reflns_R_work             249 
_refine_ls_shell.percent_reflns_obs               96.64 
_refine_ls_shell.percent_reflns_R_free            ? 
_refine_ls_shell.R_factor_all                     ? 
_refine_ls_shell.R_factor_obs                     ? 
_refine_ls_shell.R_factor_R_free                  0.306 
_refine_ls_shell.R_factor_R_free_error            ? 
_refine_ls_shell.R_factor_R_work                  0.363 
_refine_ls_shell.redundancy_reflns_all            ? 
_refine_ls_shell.redundancy_reflns_obs            ? 
_refine_ls_shell.wR_factor_all                    ? 
_refine_ls_shell.wR_factor_obs                    ? 
_refine_ls_shell.wR_factor_R_free                 ? 
_refine_ls_shell.wR_factor_R_work                 ? 
_refine_ls_shell.pdbx_total_number_of_bins_used   20 
_refine_ls_shell.pdbx_phase_error                 ? 
_refine_ls_shell.pdbx_fsc_work                    ? 
_refine_ls_shell.pdbx_fsc_free                    ? 
# 
_struct.entry_id                     5DWX 
_struct.title                        
;Structural Insights into the Quadruplex-Duplex 3' Interface formed from a Telomeric Repeat - TLOOP
;
_struct.pdbx_model_details           ? 
_struct.pdbx_formula_weight          ? 
_struct.pdbx_formula_weight_method   ? 
_struct.pdbx_model_type_details      ? 
_struct.pdbx_CASP_flag               ? 
# 
_struct_keywords.entry_id        5DWX 
_struct_keywords.text            'Telomere, Quadruplex, Junction, Duplex, DNA' 
_struct_keywords.pdbx_keywords   DNA 
# 
loop_
_struct_asym.id 
_struct_asym.pdbx_blank_PDB_chainid_flag 
_struct_asym.pdbx_modified 
_struct_asym.entity_id 
_struct_asym.details 
A N N 1 ? 
B N N 2 ? 
C N N 3 ? 
D N N 3 ? 
E N N 3 ? 
# 
loop_
_struct_ref.id 
_struct_ref.db_name 
_struct_ref.db_code 
_struct_ref.pdbx_db_accession 
_struct_ref.pdbx_db_isoform 
_struct_ref.entity_id 
_struct_ref.pdbx_seq_one_letter_code 
_struct_ref.pdbx_align_begin 
1 PDB 5DWX 5DWX ? 1 ? 1 
2 PDB 5DWX 5DWX ? 2 ? 1 
# 
loop_
_struct_ref_seq.align_id 
_struct_ref_seq.ref_id 
_struct_ref_seq.pdbx_PDB_id_code 
_struct_ref_seq.pdbx_strand_id 
_struct_ref_seq.seq_align_beg 
_struct_ref_seq.pdbx_seq_align_beg_ins_code 
_struct_ref_seq.seq_align_end 
_struct_ref_seq.pdbx_seq_align_end_ins_code 
_struct_ref_seq.pdbx_db_accession 
_struct_ref_seq.db_align_beg 
_struct_ref_seq.pdbx_db_align_beg_ins_code 
_struct_ref_seq.db_align_end 
_struct_ref_seq.pdbx_db_align_end_ins_code 
_struct_ref_seq.pdbx_auth_seq_align_beg 
_struct_ref_seq.pdbx_auth_seq_align_end 
1 1 5DWX A 1 ? 24 ? 5DWX 1 ? 24 ? 1 24 
2 2 5DWX B 1 ? 8  ? 5DWX 1 ? 8  ? 1 8  
# 
_pdbx_struct_assembly.id                   1 
_pdbx_struct_assembly.details              author_and_software_defined_assembly 
_pdbx_struct_assembly.method_details       PISA 
_pdbx_struct_assembly.oligomeric_details   dimeric 
_pdbx_struct_assembly.oligomeric_count     2 
# 
loop_
_pdbx_struct_assembly_prop.biol_id 
_pdbx_struct_assembly_prop.type 
_pdbx_struct_assembly_prop.value 
_pdbx_struct_assembly_prop.details 
1 'ABSA (A^2)' 1260 ? 
1 MORE         2    ? 
1 'SSA (A^2)'  4350 ? 
# 
_pdbx_struct_assembly_gen.assembly_id       1 
_pdbx_struct_assembly_gen.oper_expression   1 
_pdbx_struct_assembly_gen.asym_id_list      A,B,C,D,E 
# 
_pdbx_struct_oper_list.id                   1 
_pdbx_struct_oper_list.type                 'identity operation' 
_pdbx_struct_oper_list.name                 1_555 
_pdbx_struct_oper_list.symmetry_operation   x,y,z 
_pdbx_struct_oper_list.matrix[1][1]         1.0000000000 
_pdbx_struct_oper_list.matrix[1][2]         0.0000000000 
_pdbx_struct_oper_list.matrix[1][3]         0.0000000000 
_pdbx_struct_oper_list.vector[1]            0.0000000000 
_pdbx_struct_oper_list.matrix[2][1]         0.0000000000 
_pdbx_struct_oper_list.matrix[2][2]         1.0000000000 
_pdbx_struct_oper_list.matrix[2][3]         0.0000000000 
_pdbx_struct_oper_list.vector[2]            0.0000000000 
_pdbx_struct_oper_list.matrix[3][1]         0.0000000000 
_pdbx_struct_oper_list.matrix[3][2]         0.0000000000 
_pdbx_struct_oper_list.matrix[3][3]         1.0000000000 
_pdbx_struct_oper_list.vector[3]            0.0000000000 
# 
loop_
_struct_conn.id 
_struct_conn.conn_type_id 
_struct_conn.pdbx_leaving_atom_flag 
_struct_conn.pdbx_PDB_id 
_struct_conn.ptnr1_label_asym_id 
_struct_conn.ptnr1_label_comp_id 
_struct_conn.ptnr1_label_seq_id 
_struct_conn.ptnr1_label_atom_id 
_struct_conn.pdbx_ptnr1_label_alt_id 
_struct_conn.pdbx_ptnr1_PDB_ins_code 
_struct_conn.pdbx_ptnr1_standard_comp_id 
_struct_conn.ptnr1_symmetry 
_struct_conn.ptnr2_label_asym_id 
_struct_conn.ptnr2_label_comp_id 
_struct_conn.ptnr2_label_seq_id 
_struct_conn.ptnr2_label_atom_id 
_struct_conn.pdbx_ptnr2_label_alt_id 
_struct_conn.pdbx_ptnr2_PDB_ins_code 
_struct_conn.ptnr1_auth_asym_id 
_struct_conn.ptnr1_auth_comp_id 
_struct_conn.ptnr1_auth_seq_id 
_struct_conn.ptnr2_auth_asym_id 
_struct_conn.ptnr2_auth_comp_id 
_struct_conn.ptnr2_auth_seq_id 
_struct_conn.ptnr2_symmetry 
_struct_conn.pdbx_ptnr3_label_atom_id 
_struct_conn.pdbx_ptnr3_label_seq_id 
_struct_conn.pdbx_ptnr3_label_comp_id 
_struct_conn.pdbx_ptnr3_label_asym_id 
_struct_conn.pdbx_ptnr3_label_alt_id 
_struct_conn.pdbx_ptnr3_PDB_ins_code 
_struct_conn.details 
_struct_conn.pdbx_dist_value 
_struct_conn.pdbx_value_order 
_struct_conn.pdbx_role 
metalc1  metalc ? ? A DG 1  O6 ? ? ? 1_555 D K  .  K  ? ? A DG 1  A K  102 1_555 ? ? ? ? ? ? ?            2.632 ? ? 
metalc2  metalc ? ? A DG 1  O6 ? ? ? 1_555 E K  .  K  ? ? A DG 1  A K  103 1_555 ? ? ? ? ? ? ?            3.019 ? ? 
metalc3  metalc ? ? A DG 1  O6 ? ? ? 1_555 E K  .  K  ? ? A DG 1  A K  103 7_555 ? ? ? ? ? ? ?            3.019 ? ? 
metalc4  metalc ? ? A DG 2  O6 ? ? ? 1_555 C K  .  K  ? ? A DG 2  A K  101 1_555 ? ? ? ? ? ? ?            2.777 ? ? 
metalc5  metalc ? ? A DG 2  O6 ? ? ? 1_555 D K  .  K  ? ? A DG 2  A K  102 1_555 ? ? ? ? ? ? ?            2.875 ? ? 
metalc6  metalc ? ? A DG 3  O6 ? ? ? 1_555 C K  .  K  ? ? A DG 3  A K  101 1_555 ? ? ? ? ? ? ?            2.763 ? ? 
metalc7  metalc ? ? A DG 5  O6 ? ? ? 1_555 D K  .  K  ? ? A DG 5  A K  102 1_555 ? ? ? ? ? ? ?            3.016 ? ? 
metalc8  metalc ? ? A DG 5  O6 ? ? ? 1_555 E K  .  K  ? ? A DG 5  A K  103 1_555 ? ? ? ? ? ? ?            2.489 ? ? 
metalc9  metalc ? ? A DG 5  O6 ? ? ? 1_555 E K  .  K  ? ? A DG 5  A K  103 7_555 ? ? ? ? ? ? ?            2.489 ? ? 
metalc10 metalc ? ? A DG 6  O6 ? ? ? 1_555 C K  .  K  ? ? A DG 6  A K  101 1_555 ? ? ? ? ? ? ?            3.013 ? ? 
metalc11 metalc ? ? A DG 6  O6 ? ? ? 1_555 D K  .  K  ? ? A DG 6  A K  102 1_555 ? ? ? ? ? ? ?            2.697 ? ? 
metalc12 metalc ? ? A DG 7  O6 ? ? ? 1_555 C K  .  K  ? ? A DG 7  A K  101 1_555 ? ? ? ? ? ? ?            2.659 ? ? 
metalc13 metalc ? ? A DG 9  O6 ? ? ? 1_555 D K  .  K  ? ? A DG 9  A K  102 1_555 ? ? ? ? ? ? ?            2.932 ? ? 
metalc14 metalc ? ? A DG 9  O6 ? ? ? 1_555 E K  .  K  ? ? A DG 9  A K  103 1_555 ? ? ? ? ? ? ?            2.691 ? ? 
metalc15 metalc ? ? A DG 9  O6 ? ? ? 1_555 E K  .  K  ? ? A DG 9  A K  103 7_555 ? ? ? ? ? ? ?            2.691 ? ? 
metalc16 metalc ? ? A DG 10 O6 ? ? ? 1_555 C K  .  K  ? ? A DG 10 A K  101 1_555 ? ? ? ? ? ? ?            2.890 ? ? 
metalc17 metalc ? ? A DG 10 O6 ? ? ? 1_555 D K  .  K  ? ? A DG 10 A K  102 1_555 ? ? ? ? ? ? ?            2.565 ? ? 
metalc18 metalc ? ? A DG 11 O6 ? ? ? 1_555 C K  .  K  ? ? A DG 11 A K  101 1_555 ? ? ? ? ? ? ?            2.677 ? ? 
metalc19 metalc ? ? A DG 13 O6 ? ? ? 1_555 D K  .  K  ? ? A DG 13 A K  102 1_555 ? ? ? ? ? ? ?            2.835 ? ? 
metalc20 metalc ? ? A DG 13 O6 ? ? ? 1_555 E K  .  K  ? ? A DG 13 A K  103 1_555 ? ? ? ? ? ? ?            2.856 ? ? 
metalc21 metalc ? ? A DG 13 O6 ? ? ? 1_555 E K  .  K  ? ? A DG 13 A K  103 7_555 ? ? ? ? ? ? ?            2.856 ? ? 
metalc22 metalc ? ? A DG 14 O6 ? ? ? 1_555 C K  .  K  ? ? A DG 14 A K  101 1_555 ? ? ? ? ? ? ?            2.839 ? ? 
metalc23 metalc ? ? A DG 14 O6 ? ? ? 1_555 D K  .  K  ? ? A DG 14 A K  102 1_555 ? ? ? ? ? ? ?            2.621 ? ? 
metalc24 metalc ? ? A DG 15 O6 ? ? ? 1_555 C K  .  K  ? ? A DG 15 A K  101 1_555 ? ? ? ? ? ? ?            2.760 ? ? 
hydrog1  hydrog ? ? A DG 1  N1 ? ? ? 1_555 A DG 5  O6 ? ? A DG 1  A DG 5   1_555 ? ? ? ? ? ? TYPE_6_PAIR  ?     ? ? 
hydrog2  hydrog ? ? A DG 1  N2 ? ? ? 1_555 A DG 5  N7 ? ? A DG 1  A DG 5   1_555 ? ? ? ? ? ? TYPE_6_PAIR  ?     ? ? 
hydrog3  hydrog ? ? A DG 1  N7 ? ? ? 1_555 A DG 13 N2 ? ? A DG 1  A DG 13  1_555 ? ? ? ? ? ? TYPE_6_PAIR  ?     ? ? 
hydrog4  hydrog ? ? A DG 1  O6 ? ? ? 1_555 A DG 13 N1 ? ? A DG 1  A DG 13  1_555 ? ? ? ? ? ? TYPE_6_PAIR  ?     ? ? 
hydrog5  hydrog ? ? A DG 2  N1 ? ? ? 1_555 A DG 6  O6 ? ? A DG 2  A DG 6   1_555 ? ? ? ? ? ? TYPE_6_PAIR  ?     ? ? 
hydrog6  hydrog ? ? A DG 2  N2 ? ? ? 1_555 A DG 6  N7 ? ? A DG 2  A DG 6   1_555 ? ? ? ? ? ? TYPE_6_PAIR  ?     ? ? 
hydrog7  hydrog ? ? A DG 2  N7 ? ? ? 1_555 A DG 14 N2 ? ? A DG 2  A DG 14  1_555 ? ? ? ? ? ? TYPE_6_PAIR  ?     ? ? 
hydrog8  hydrog ? ? A DG 2  O6 ? ? ? 1_555 A DG 14 N1 ? ? A DG 2  A DG 14  1_555 ? ? ? ? ? ? TYPE_6_PAIR  ?     ? ? 
hydrog9  hydrog ? ? A DG 3  N1 ? ? ? 1_555 A DG 7  O6 ? ? A DG 3  A DG 7   1_555 ? ? ? ? ? ? TYPE_6_PAIR  ?     ? ? 
hydrog10 hydrog ? ? A DG 3  N2 ? ? ? 1_555 A DG 7  N7 ? ? A DG 3  A DG 7   1_555 ? ? ? ? ? ? TYPE_6_PAIR  ?     ? ? 
hydrog11 hydrog ? ? A DG 3  N7 ? ? ? 1_555 A DG 15 N2 ? ? A DG 3  A DG 15  1_555 ? ? ? ? ? ? TYPE_6_PAIR  ?     ? ? 
hydrog12 hydrog ? ? A DG 3  O6 ? ? ? 1_555 A DG 15 N1 ? ? A DG 3  A DG 15  1_555 ? ? ? ? ? ? TYPE_6_PAIR  ?     ? ? 
hydrog13 hydrog ? ? A DG 5  N7 ? ? ? 1_555 A DG 1  N2 ? ? A DG 5  A DG 1   7_555 ? ? ? ? ? ? TYPE_6_PAIR  ?     ? ? 
hydrog14 hydrog ? ? A DG 5  O6 ? ? ? 1_555 A DG 1  N1 ? ? A DG 5  A DG 1   7_555 ? ? ? ? ? ? TYPE_6_PAIR  ?     ? ? 
hydrog15 hydrog ? ? A DG 5  N1 ? ? ? 1_555 A DG 9  O6 ? ? A DG 5  A DG 9   1_555 ? ? ? ? ? ? TYPE_6_PAIR  ?     ? ? 
hydrog16 hydrog ? ? A DG 5  N2 ? ? ? 1_555 A DG 9  N7 ? ? A DG 5  A DG 9   1_555 ? ? ? ? ? ? TYPE_6_PAIR  ?     ? ? 
hydrog17 hydrog ? ? A DG 6  N1 ? ? ? 1_555 A DG 10 O6 ? ? A DG 6  A DG 10  1_555 ? ? ? ? ? ? TYPE_6_PAIR  ?     ? ? 
hydrog18 hydrog ? ? A DG 6  N2 ? ? ? 1_555 A DG 10 N7 ? ? A DG 6  A DG 10  1_555 ? ? ? ? ? ? TYPE_6_PAIR  ?     ? ? 
hydrog19 hydrog ? ? A DG 7  N1 ? ? ? 1_555 A DG 11 O6 ? ? A DG 7  A DG 11  1_555 ? ? ? ? ? ? TYPE_6_PAIR  ?     ? ? 
hydrog20 hydrog ? ? A DG 7  N2 ? ? ? 1_555 A DG 11 N7 ? ? A DG 7  A DG 11  1_555 ? ? ? ? ? ? TYPE_6_PAIR  ?     ? ? 
hydrog21 hydrog ? ? A DG 9  N1 ? ? ? 1_555 A DG 13 O6 ? ? A DG 9  A DG 13  1_555 ? ? ? ? ? ? TYPE_6_PAIR  ?     ? ? 
hydrog22 hydrog ? ? A DG 9  N2 ? ? ? 1_555 A DG 13 N7 ? ? A DG 9  A DG 13  1_555 ? ? ? ? ? ? TYPE_6_PAIR  ?     ? ? 
hydrog23 hydrog ? ? A DG 10 N1 ? ? ? 1_555 A DG 14 O6 ? ? A DG 10 A DG 14  1_555 ? ? ? ? ? ? TYPE_6_PAIR  ?     ? ? 
hydrog24 hydrog ? ? A DG 10 N2 ? ? ? 1_555 A DG 14 N7 ? ? A DG 10 A DG 14  1_555 ? ? ? ? ? ? TYPE_6_PAIR  ?     ? ? 
hydrog25 hydrog ? ? A DG 11 N1 ? ? ? 1_555 A DG 15 O6 ? ? A DG 11 A DG 15  1_555 ? ? ? ? ? ? TYPE_6_PAIR  ?     ? ? 
hydrog26 hydrog ? ? A DG 11 N2 ? ? ? 1_555 A DG 15 N7 ? ? A DG 11 A DG 15  1_555 ? ? ? ? ? ? TYPE_6_PAIR  ?     ? ? 
hydrog27 hydrog ? ? A DG 13 N1 ? ? ? 1_555 A DG 9  O6 ? ? A DG 13 A DG 9   7_555 ? ? ? ? ? ? TYPE_6_PAIR  ?     ? ? 
hydrog28 hydrog ? ? A DG 13 N2 ? ? ? 1_555 A DG 9  N7 ? ? A DG 13 A DG 9   7_555 ? ? ? ? ? ? TYPE_6_PAIR  ?     ? ? 
hydrog29 hydrog ? ? A DT 17 N3 ? ? ? 1_555 B DA 8  N1 ? ? A DT 17 B DA 8   1_555 ? ? ? ? ? ? WATSON-CRICK ?     ? ? 
hydrog30 hydrog ? ? A DT 17 O4 ? ? ? 1_555 B DA 8  N6 ? ? A DT 17 B DA 8   1_555 ? ? ? ? ? ? WATSON-CRICK ?     ? ? 
hydrog31 hydrog ? ? A DA 18 N6 ? ? ? 1_555 B DT 7  O2 ? ? A DA 18 B DT 7   1_555 ? ? ? ? ? ? 'DA-DT PAIR' ?     ? ? 
hydrog32 hydrog ? ? A DG 19 N1 ? ? ? 1_555 B DC 6  N3 ? ? A DG 19 B DC 6   1_555 ? ? ? ? ? ? WATSON-CRICK ?     ? ? 
hydrog33 hydrog ? ? A DG 19 N2 ? ? ? 1_555 B DC 6  O2 ? ? A DG 19 B DC 6   1_555 ? ? ? ? ? ? WATSON-CRICK ?     ? ? 
hydrog34 hydrog ? ? A DG 19 O6 ? ? ? 1_555 B DC 6  N4 ? ? A DG 19 B DC 6   1_555 ? ? ? ? ? ? WATSON-CRICK ?     ? ? 
hydrog35 hydrog ? ? A DC 20 N3 ? ? ? 1_555 B DG 5  N1 ? ? A DC 20 B DG 5   1_555 ? ? ? ? ? ? WATSON-CRICK ?     ? ? 
hydrog36 hydrog ? ? A DC 20 N4 ? ? ? 1_555 B DG 5  O6 ? ? A DC 20 B DG 5   1_555 ? ? ? ? ? ? WATSON-CRICK ?     ? ? 
hydrog37 hydrog ? ? A DC 20 O2 ? ? ? 1_555 B DG 5  N2 ? ? A DC 20 B DG 5   1_555 ? ? ? ? ? ? WATSON-CRICK ?     ? ? 
# 
loop_
_struct_conn_type.id 
_struct_conn_type.criteria 
_struct_conn_type.reference 
metalc ? ? 
hydrog ? ? 
# 
loop_
_pdbx_struct_conn_angle.id 
_pdbx_struct_conn_angle.ptnr1_label_atom_id 
_pdbx_struct_conn_angle.ptnr1_label_alt_id 
_pdbx_struct_conn_angle.ptnr1_label_asym_id 
_pdbx_struct_conn_angle.ptnr1_label_comp_id 
_pdbx_struct_conn_angle.ptnr1_label_seq_id 
_pdbx_struct_conn_angle.ptnr1_auth_atom_id 
_pdbx_struct_conn_angle.ptnr1_auth_asym_id 
_pdbx_struct_conn_angle.ptnr1_auth_comp_id 
_pdbx_struct_conn_angle.ptnr1_auth_seq_id 
_pdbx_struct_conn_angle.ptnr1_PDB_ins_code 
_pdbx_struct_conn_angle.ptnr1_symmetry 
_pdbx_struct_conn_angle.ptnr2_label_atom_id 
_pdbx_struct_conn_angle.ptnr2_label_alt_id 
_pdbx_struct_conn_angle.ptnr2_label_asym_id 
_pdbx_struct_conn_angle.ptnr2_label_comp_id 
_pdbx_struct_conn_angle.ptnr2_label_seq_id 
_pdbx_struct_conn_angle.ptnr2_auth_atom_id 
_pdbx_struct_conn_angle.ptnr2_auth_asym_id 
_pdbx_struct_conn_angle.ptnr2_auth_comp_id 
_pdbx_struct_conn_angle.ptnr2_auth_seq_id 
_pdbx_struct_conn_angle.ptnr2_PDB_ins_code 
_pdbx_struct_conn_angle.ptnr2_symmetry 
_pdbx_struct_conn_angle.ptnr3_label_atom_id 
_pdbx_struct_conn_angle.ptnr3_label_alt_id 
_pdbx_struct_conn_angle.ptnr3_label_asym_id 
_pdbx_struct_conn_angle.ptnr3_label_comp_id 
_pdbx_struct_conn_angle.ptnr3_label_seq_id 
_pdbx_struct_conn_angle.ptnr3_auth_atom_id 
_pdbx_struct_conn_angle.ptnr3_auth_asym_id 
_pdbx_struct_conn_angle.ptnr3_auth_comp_id 
_pdbx_struct_conn_angle.ptnr3_auth_seq_id 
_pdbx_struct_conn_angle.ptnr3_PDB_ins_code 
_pdbx_struct_conn_angle.ptnr3_symmetry 
_pdbx_struct_conn_angle.value 
_pdbx_struct_conn_angle.value_esd 
1  O6 ? A DG 1  ? A DG 1  ? 1_555 K ? D K . ? A K 102 ? 1_555 O6 ? A DG 2  ? A DG 2  ? 1_555 74.8  ? 
2  O6 ? A DG 1  ? A DG 1  ? 1_555 K ? D K . ? A K 102 ? 1_555 O6 ? A DG 5  ? A DG 5  ? 1_555 71.8  ? 
3  O6 ? A DG 2  ? A DG 2  ? 1_555 K ? D K . ? A K 102 ? 1_555 O6 ? A DG 5  ? A DG 5  ? 1_555 102.6 ? 
4  O6 ? A DG 1  ? A DG 1  ? 1_555 K ? D K . ? A K 102 ? 1_555 O6 ? A DG 6  ? A DG 6  ? 1_555 129.9 ? 
5  O6 ? A DG 2  ? A DG 2  ? 1_555 K ? D K . ? A K 102 ? 1_555 O6 ? A DG 6  ? A DG 6  ? 1_555 72.1  ? 
6  O6 ? A DG 5  ? A DG 5  ? 1_555 K ? D K . ? A K 102 ? 1_555 O6 ? A DG 6  ? A DG 6  ? 1_555 79.9  ? 
7  O6 ? A DG 1  ? A DG 1  ? 1_555 K ? D K . ? A K 102 ? 1_555 O6 ? A DG 9  ? A DG 9  ? 1_555 108.0 ? 
8  O6 ? A DG 2  ? A DG 2  ? 1_555 K ? D K . ? A K 102 ? 1_555 O6 ? A DG 9  ? A DG 9  ? 1_555 160.0 ? 
9  O6 ? A DG 5  ? A DG 5  ? 1_555 K ? D K . ? A K 102 ? 1_555 O6 ? A DG 9  ? A DG 9  ? 1_555 61.3  ? 
10 O6 ? A DG 6  ? A DG 6  ? 1_555 K ? D K . ? A K 102 ? 1_555 O6 ? A DG 9  ? A DG 9  ? 1_555 92.5  ? 
11 O6 ? A DG 1  ? A DG 1  ? 1_555 K ? D K . ? A K 102 ? 1_555 O6 ? A DG 10 ? A DG 10 ? 1_555 150.3 ? 
12 O6 ? A DG 2  ? A DG 2  ? 1_555 K ? D K . ? A K 102 ? 1_555 O6 ? A DG 10 ? A DG 10 ? 1_555 107.8 ? 
13 O6 ? A DG 5  ? A DG 5  ? 1_555 K ? D K . ? A K 102 ? 1_555 O6 ? A DG 10 ? A DG 10 ? 1_555 133.2 ? 
14 O6 ? A DG 6  ? A DG 6  ? 1_555 K ? D K . ? A K 102 ? 1_555 O6 ? A DG 10 ? A DG 10 ? 1_555 76.7  ? 
15 O6 ? A DG 9  ? A DG 9  ? 1_555 K ? D K . ? A K 102 ? 1_555 O6 ? A DG 10 ? A DG 10 ? 1_555 79.8  ? 
16 O6 ? A DG 1  ? A DG 1  ? 1_555 K ? D K . ? A K 102 ? 1_555 O6 ? A DG 13 ? A DG 13 ? 1_555 70.3  ? 
17 O6 ? A DG 2  ? A DG 2  ? 1_555 K ? D K . ? A K 102 ? 1_555 O6 ? A DG 13 ? A DG 13 ? 1_555 130.5 ? 
18 O6 ? A DG 5  ? A DG 5  ? 1_555 K ? D K . ? A K 102 ? 1_555 O6 ? A DG 13 ? A DG 13 ? 1_555 98.7  ? 
19 O6 ? A DG 6  ? A DG 6  ? 1_555 K ? D K . ? A K 102 ? 1_555 O6 ? A DG 13 ? A DG 13 ? 1_555 156.3 ? 
20 O6 ? A DG 9  ? A DG 9  ? 1_555 K ? D K . ? A K 102 ? 1_555 O6 ? A DG 13 ? A DG 13 ? 1_555 66.9  ? 
21 O6 ? A DG 10 ? A DG 10 ? 1_555 K ? D K . ? A K 102 ? 1_555 O6 ? A DG 13 ? A DG 13 ? 1_555 87.9  ? 
22 O6 ? A DG 1  ? A DG 1  ? 1_555 K ? D K . ? A K 102 ? 1_555 O6 ? A DG 14 ? A DG 14 ? 1_555 85.5  ? 
23 O6 ? A DG 2  ? A DG 2  ? 1_555 K ? D K . ? A K 102 ? 1_555 O6 ? A DG 14 ? A DG 14 ? 1_555 65.6  ? 
24 O6 ? A DG 5  ? A DG 5  ? 1_555 K ? D K . ? A K 102 ? 1_555 O6 ? A DG 14 ? A DG 14 ? 1_555 156.8 ? 
25 O6 ? A DG 6  ? A DG 6  ? 1_555 K ? D K . ? A K 102 ? 1_555 O6 ? A DG 14 ? A DG 14 ? 1_555 112.7 ? 
26 O6 ? A DG 9  ? A DG 9  ? 1_555 K ? D K . ? A K 102 ? 1_555 O6 ? A DG 14 ? A DG 14 ? 1_555 133.7 ? 
27 O6 ? A DG 10 ? A DG 10 ? 1_555 K ? D K . ? A K 102 ? 1_555 O6 ? A DG 14 ? A DG 14 ? 1_555 69.9  ? 
28 O6 ? A DG 13 ? A DG 13 ? 1_555 K ? D K . ? A K 102 ? 1_555 O6 ? A DG 14 ? A DG 14 ? 1_555 77.6  ? 
29 O6 ? A DG 1  ? A DG 1  ? 1_555 K ? E K . ? A K 103 ? 1_555 O6 ? A DG 1  ? A DG 1  ? 1_555 0.0   ? 
30 O6 ? A DG 1  ? A DG 1  ? 1_555 K ? E K . ? A K 103 ? 1_555 O6 ? A DG 5  ? A DG 5  ? 1_555 73.6  ? 
31 O6 ? A DG 1  ? A DG 1  ? 1_555 K ? E K . ? A K 103 ? 1_555 O6 ? A DG 5  ? A DG 5  ? 1_555 73.6  ? 
32 O6 ? A DG 1  ? A DG 1  ? 1_555 K ? E K . ? A K 103 ? 1_555 O6 ? A DG 5  ? A DG 5  ? 1_555 73.6  ? 
33 O6 ? A DG 1  ? A DG 1  ? 1_555 K ? E K . ? A K 103 ? 1_555 O6 ? A DG 5  ? A DG 5  ? 1_555 73.6  ? 
34 O6 ? A DG 5  ? A DG 5  ? 1_555 K ? E K . ? A K 103 ? 1_555 O6 ? A DG 5  ? A DG 5  ? 1_555 0.0   ? 
35 O6 ? A DG 1  ? A DG 1  ? 1_555 K ? E K . ? A K 103 ? 1_555 O6 ? A DG 9  ? A DG 9  ? 1_555 104.0 ? 
36 O6 ? A DG 1  ? A DG 1  ? 1_555 K ? E K . ? A K 103 ? 1_555 O6 ? A DG 9  ? A DG 9  ? 1_555 104.0 ? 
37 O6 ? A DG 5  ? A DG 5  ? 1_555 K ? E K . ? A K 103 ? 1_555 O6 ? A DG 9  ? A DG 9  ? 1_555 71.5  ? 
38 O6 ? A DG 5  ? A DG 5  ? 1_555 K ? E K . ? A K 103 ? 1_555 O6 ? A DG 9  ? A DG 9  ? 1_555 71.5  ? 
39 O6 ? A DG 1  ? A DG 1  ? 1_555 K ? E K . ? A K 103 ? 1_555 O6 ? A DG 9  ? A DG 9  ? 1_555 104.0 ? 
40 O6 ? A DG 1  ? A DG 1  ? 1_555 K ? E K . ? A K 103 ? 1_555 O6 ? A DG 9  ? A DG 9  ? 1_555 104.0 ? 
41 O6 ? A DG 5  ? A DG 5  ? 1_555 K ? E K . ? A K 103 ? 1_555 O6 ? A DG 9  ? A DG 9  ? 1_555 71.5  ? 
42 O6 ? A DG 5  ? A DG 5  ? 1_555 K ? E K . ? A K 103 ? 1_555 O6 ? A DG 9  ? A DG 9  ? 1_555 71.5  ? 
43 O6 ? A DG 9  ? A DG 9  ? 1_555 K ? E K . ? A K 103 ? 1_555 O6 ? A DG 9  ? A DG 9  ? 1_555 0.0   ? 
44 O6 ? A DG 1  ? A DG 1  ? 1_555 K ? E K . ? A K 103 ? 1_555 O6 ? A DG 13 ? A DG 13 ? 1_555 64.8  ? 
45 O6 ? A DG 1  ? A DG 1  ? 1_555 K ? E K . ? A K 103 ? 1_555 O6 ? A DG 13 ? A DG 13 ? 1_555 64.8  ? 
46 O6 ? A DG 5  ? A DG 5  ? 1_555 K ? E K . ? A K 103 ? 1_555 O6 ? A DG 13 ? A DG 13 ? 1_555 112.2 ? 
47 O6 ? A DG 5  ? A DG 5  ? 1_555 K ? E K . ? A K 103 ? 1_555 O6 ? A DG 13 ? A DG 13 ? 1_555 112.2 ? 
48 O6 ? A DG 9  ? A DG 9  ? 1_555 K ? E K . ? A K 103 ? 1_555 O6 ? A DG 13 ? A DG 13 ? 1_555 69.9  ? 
49 O6 ? A DG 9  ? A DG 9  ? 1_555 K ? E K . ? A K 103 ? 1_555 O6 ? A DG 13 ? A DG 13 ? 1_555 69.9  ? 
50 O6 ? A DG 1  ? A DG 1  ? 1_555 K ? E K . ? A K 103 ? 1_555 O6 ? A DG 13 ? A DG 13 ? 1_555 64.8  ? 
51 O6 ? A DG 1  ? A DG 1  ? 1_555 K ? E K . ? A K 103 ? 1_555 O6 ? A DG 13 ? A DG 13 ? 1_555 64.8  ? 
52 O6 ? A DG 5  ? A DG 5  ? 1_555 K ? E K . ? A K 103 ? 1_555 O6 ? A DG 13 ? A DG 13 ? 1_555 112.2 ? 
53 O6 ? A DG 5  ? A DG 5  ? 1_555 K ? E K . ? A K 103 ? 1_555 O6 ? A DG 13 ? A DG 13 ? 1_555 112.2 ? 
54 O6 ? A DG 9  ? A DG 9  ? 1_555 K ? E K . ? A K 103 ? 1_555 O6 ? A DG 13 ? A DG 13 ? 1_555 69.9  ? 
55 O6 ? A DG 9  ? A DG 9  ? 1_555 K ? E K . ? A K 103 ? 1_555 O6 ? A DG 13 ? A DG 13 ? 1_555 69.9  ? 
56 O6 ? A DG 13 ? A DG 13 ? 1_555 K ? E K . ? A K 103 ? 1_555 O6 ? A DG 13 ? A DG 13 ? 1_555 0.0   ? 
57 O6 ? A DG 2  ? A DG 2  ? 1_555 K ? C K . ? A K 101 ? 1_555 O6 ? A DG 3  ? A DG 3  ? 1_555 65.5  ? 
58 O6 ? A DG 2  ? A DG 2  ? 1_555 K ? C K . ? A K 101 ? 1_555 O6 ? A DG 6  ? A DG 6  ? 1_555 68.9  ? 
59 O6 ? A DG 3  ? A DG 3  ? 1_555 K ? C K . ? A K 101 ? 1_555 O6 ? A DG 6  ? A DG 6  ? 1_555 85.8  ? 
60 O6 ? A DG 2  ? A DG 2  ? 1_555 K ? C K . ? A K 101 ? 1_555 O6 ? A DG 7  ? A DG 7  ? 1_555 130.5 ? 
61 O6 ? A DG 3  ? A DG 3  ? 1_555 K ? C K . ? A K 101 ? 1_555 O6 ? A DG 7  ? A DG 7  ? 1_555 79.6  ? 
62 O6 ? A DG 6  ? A DG 6  ? 1_555 K ? C K . ? A K 101 ? 1_555 O6 ? A DG 7  ? A DG 7  ? 1_555 74.7  ? 
63 O6 ? A DG 2  ? A DG 2  ? 1_555 K ? C K . ? A K 101 ? 1_555 O6 ? A DG 10 ? A DG 10 ? 1_555 101.8 ? 
64 O6 ? A DG 3  ? A DG 3  ? 1_555 K ? C K . ? A K 101 ? 1_555 O6 ? A DG 10 ? A DG 10 ? 1_555 152.9 ? 
65 O6 ? A DG 6  ? A DG 6  ? 1_555 K ? C K . ? A K 101 ? 1_555 O6 ? A DG 10 ? A DG 10 ? 1_555 67.1  ? 
66 O6 ? A DG 7  ? A DG 7  ? 1_555 K ? C K . ? A K 101 ? 1_555 O6 ? A DG 10 ? A DG 10 ? 1_555 93.6  ? 
67 O6 ? A DG 2  ? A DG 2  ? 1_555 K ? C K . ? A K 101 ? 1_555 O6 ? A DG 11 ? A DG 11 ? 1_555 156.7 ? 
68 O6 ? A DG 3  ? A DG 3  ? 1_555 K ? C K . ? A K 101 ? 1_555 O6 ? A DG 11 ? A DG 11 ? 1_555 124.3 ? 
69 O6 ? A DG 6  ? A DG 6  ? 1_555 K ? C K . ? A K 101 ? 1_555 O6 ? A DG 11 ? A DG 11 ? 1_555 129.1 ? 
70 O6 ? A DG 7  ? A DG 7  ? 1_555 K ? C K . ? A K 101 ? 1_555 O6 ? A DG 11 ? A DG 11 ? 1_555 72.5  ? 
71 O6 ? A DG 10 ? A DG 10 ? 1_555 K ? C K . ? A K 101 ? 1_555 O6 ? A DG 11 ? A DG 11 ? 1_555 77.2  ? 
72 O6 ? A DG 2  ? A DG 2  ? 1_555 K ? C K . ? A K 101 ? 1_555 O6 ? A DG 14 ? A DG 14 ? 1_555 64.2  ? 
73 O6 ? A DG 3  ? A DG 3  ? 1_555 K ? C K . ? A K 101 ? 1_555 O6 ? A DG 14 ? A DG 14 ? 1_555 123.8 ? 
74 O6 ? A DG 6  ? A DG 6  ? 1_555 K ? C K . ? A K 101 ? 1_555 O6 ? A DG 14 ? A DG 14 ? 1_555 98.3  ? 
75 O6 ? A DG 7  ? A DG 7  ? 1_555 K ? C K . ? A K 101 ? 1_555 O6 ? A DG 14 ? A DG 14 ? 1_555 155.5 ? 
76 O6 ? A DG 10 ? A DG 10 ? 1_555 K ? C K . ? A K 101 ? 1_555 O6 ? A DG 14 ? A DG 14 ? 1_555 62.5  ? 
77 O6 ? A DG 11 ? A DG 11 ? 1_555 K ? C K . ? A K 101 ? 1_555 O6 ? A DG 14 ? A DG 14 ? 1_555 95.9  ? 
78 O6 ? A DG 2  ? A DG 2  ? 1_555 K ? C K . ? A K 101 ? 1_555 O6 ? A DG 15 ? A DG 15 ? 1_555 84.4  ? 
79 O6 ? A DG 3  ? A DG 3  ? 1_555 K ? C K . ? A K 101 ? 1_555 O6 ? A DG 15 ? A DG 15 ? 1_555 82.4  ? 
80 O6 ? A DG 6  ? A DG 6  ? 1_555 K ? C K . ? A K 101 ? 1_555 O6 ? A DG 15 ? A DG 15 ? 1_555 153.3 ? 
81 O6 ? A DG 7  ? A DG 7  ? 1_555 K ? C K . ? A K 101 ? 1_555 O6 ? A DG 15 ? A DG 15 ? 1_555 125.9 ? 
82 O6 ? A DG 10 ? A DG 10 ? 1_555 K ? C K . ? A K 101 ? 1_555 O6 ? A DG 15 ? A DG 15 ? 1_555 121.6 ? 
83 O6 ? A DG 11 ? A DG 11 ? 1_555 K ? C K . ? A K 101 ? 1_555 O6 ? A DG 15 ? A DG 15 ? 1_555 76.9  ? 
84 O6 ? A DG 14 ? A DG 14 ? 1_555 K ? C K . ? A K 101 ? 1_555 O6 ? A DG 15 ? A DG 15 ? 1_555 69.4  ? 
# 
loop_
_struct_site.id 
_struct_site.pdbx_evidence_code 
_struct_site.pdbx_auth_asym_id 
_struct_site.pdbx_auth_comp_id 
_struct_site.pdbx_auth_seq_id 
_struct_site.pdbx_auth_ins_code 
_struct_site.pdbx_num_residues 
_struct_site.details 
AC1 Software A K 101 ? 9  'binding site for residue K A 101' 
AC2 Software A K 102 ? 11 'binding site for residue K A 102' 
AC3 Software A K 103 ? 10 'binding site for residue K A 103' 
# 
loop_
_struct_site_gen.id 
_struct_site_gen.site_id 
_struct_site_gen.pdbx_num_res 
_struct_site_gen.label_comp_id 
_struct_site_gen.label_asym_id 
_struct_site_gen.label_seq_id 
_struct_site_gen.pdbx_auth_ins_code 
_struct_site_gen.auth_comp_id 
_struct_site_gen.auth_asym_id 
_struct_site_gen.auth_seq_id 
_struct_site_gen.label_atom_id 
_struct_site_gen.label_alt_id 
_struct_site_gen.symmetry 
_struct_site_gen.details 
1  AC1 9  DG A 2  ? DG A 2   . ? 1_555 ? 
2  AC1 9  DG A 3  ? DG A 3   . ? 1_555 ? 
3  AC1 9  DG A 6  ? DG A 6   . ? 1_555 ? 
4  AC1 9  DG A 7  ? DG A 7   . ? 1_555 ? 
5  AC1 9  DG A 10 ? DG A 10  . ? 1_555 ? 
6  AC1 9  DG A 11 ? DG A 11  . ? 1_555 ? 
7  AC1 9  DG A 14 ? DG A 14  . ? 1_555 ? 
8  AC1 9  DG A 15 ? DG A 15  . ? 1_555 ? 
9  AC1 9  K  D .  ? K  A 102 . ? 1_555 ? 
10 AC2 11 DG A 1  ? DG A 1   . ? 1_555 ? 
11 AC2 11 DG A 2  ? DG A 2   . ? 1_555 ? 
12 AC2 11 DG A 5  ? DG A 5   . ? 1_555 ? 
13 AC2 11 DG A 6  ? DG A 6   . ? 1_555 ? 
14 AC2 11 DG A 9  ? DG A 9   . ? 1_555 ? 
15 AC2 11 DG A 10 ? DG A 10  . ? 1_555 ? 
16 AC2 11 DG A 13 ? DG A 13  . ? 1_555 ? 
17 AC2 11 DG A 14 ? DG A 14  . ? 1_555 ? 
18 AC2 11 K  C .  ? K  A 101 . ? 1_555 ? 
19 AC2 11 K  E .  ? K  A 103 . ? 7_555 ? 
20 AC2 11 K  E .  ? K  A 103 . ? 1_555 ? 
21 AC3 10 DG A 1  ? DG A 1   . ? 1_555 ? 
22 AC3 10 DG A 1  ? DG A 1   . ? 7_555 ? 
23 AC3 10 DG A 5  ? DG A 5   . ? 7_555 ? 
24 AC3 10 DG A 5  ? DG A 5   . ? 1_555 ? 
25 AC3 10 DG A 9  ? DG A 9   . ? 7_555 ? 
26 AC3 10 DG A 9  ? DG A 9   . ? 1_555 ? 
27 AC3 10 DG A 13 ? DG A 13  . ? 7_555 ? 
28 AC3 10 DG A 13 ? DG A 13  . ? 1_555 ? 
29 AC3 10 K  D .  ? K  A 102 . ? 7_555 ? 
30 AC3 10 K  D .  ? K  A 102 . ? 1_555 ? 
# 
_pdbx_struct_special_symmetry.id              1 
_pdbx_struct_special_symmetry.PDB_model_num   1 
_pdbx_struct_special_symmetry.auth_asym_id    A 
_pdbx_struct_special_symmetry.auth_comp_id    K 
_pdbx_struct_special_symmetry.auth_seq_id     103 
_pdbx_struct_special_symmetry.PDB_ins_code    ? 
_pdbx_struct_special_symmetry.label_asym_id   E 
_pdbx_struct_special_symmetry.label_comp_id   K 
_pdbx_struct_special_symmetry.label_seq_id    . 
# 
loop_
_pdbx_unobs_or_zero_occ_residues.id 
_pdbx_unobs_or_zero_occ_residues.PDB_model_num 
_pdbx_unobs_or_zero_occ_residues.polymer_flag 
_pdbx_unobs_or_zero_occ_residues.occupancy_flag 
_pdbx_unobs_or_zero_occ_residues.auth_asym_id 
_pdbx_unobs_or_zero_occ_residues.auth_comp_id 
_pdbx_unobs_or_zero_occ_residues.auth_seq_id 
_pdbx_unobs_or_zero_occ_residues.PDB_ins_code 
_pdbx_unobs_or_zero_occ_residues.label_asym_id 
_pdbx_unobs_or_zero_occ_residues.label_comp_id 
_pdbx_unobs_or_zero_occ_residues.label_seq_id 
1 1 Y 1 A DG 21 ? A DG 21 
2 1 Y 1 A DT 22 ? A DT 22 
3 1 Y 1 A DT 23 ? A DT 23 
4 1 Y 1 A DA 24 ? A DA 24 
5 1 Y 1 B DT 1  ? B DT 1  
6 1 Y 1 B DA 2  ? B DA 2  
7 1 Y 1 B DA 3  ? B DA 3  
8 1 Y 1 B DC 4  ? B DC 4  
# 
loop_
_chem_comp_atom.comp_id 
_chem_comp_atom.atom_id 
_chem_comp_atom.type_symbol 
_chem_comp_atom.pdbx_aromatic_flag 
_chem_comp_atom.pdbx_stereo_config 
_chem_comp_atom.pdbx_ordinal 
DA OP3    O N N 1   
DA P      P N N 2   
DA OP1    O N N 3   
DA OP2    O N N 4   
DA "O5'"  O N N 5   
DA "C5'"  C N N 6   
DA "C4'"  C N R 7   
DA "O4'"  O N N 8   
DA "C3'"  C N S 9   
DA "O3'"  O N N 10  
DA "C2'"  C N N 11  
DA "C1'"  C N R 12  
DA N9     N Y N 13  
DA C8     C Y N 14  
DA N7     N Y N 15  
DA C5     C Y N 16  
DA C6     C Y N 17  
DA N6     N N N 18  
DA N1     N Y N 19  
DA C2     C Y N 20  
DA N3     N Y N 21  
DA C4     C Y N 22  
DA HOP3   H N N 23  
DA HOP2   H N N 24  
DA "H5'"  H N N 25  
DA "H5''" H N N 26  
DA "H4'"  H N N 27  
DA "H3'"  H N N 28  
DA "HO3'" H N N 29  
DA "H2'"  H N N 30  
DA "H2''" H N N 31  
DA "H1'"  H N N 32  
DA H8     H N N 33  
DA H61    H N N 34  
DA H62    H N N 35  
DA H2     H N N 36  
DC OP3    O N N 37  
DC P      P N N 38  
DC OP1    O N N 39  
DC OP2    O N N 40  
DC "O5'"  O N N 41  
DC "C5'"  C N N 42  
DC "C4'"  C N R 43  
DC "O4'"  O N N 44  
DC "C3'"  C N S 45  
DC "O3'"  O N N 46  
DC "C2'"  C N N 47  
DC "C1'"  C N R 48  
DC N1     N N N 49  
DC C2     C N N 50  
DC O2     O N N 51  
DC N3     N N N 52  
DC C4     C N N 53  
DC N4     N N N 54  
DC C5     C N N 55  
DC C6     C N N 56  
DC HOP3   H N N 57  
DC HOP2   H N N 58  
DC "H5'"  H N N 59  
DC "H5''" H N N 60  
DC "H4'"  H N N 61  
DC "H3'"  H N N 62  
DC "HO3'" H N N 63  
DC "H2'"  H N N 64  
DC "H2''" H N N 65  
DC "H1'"  H N N 66  
DC H41    H N N 67  
DC H42    H N N 68  
DC H5     H N N 69  
DC H6     H N N 70  
DG OP3    O N N 71  
DG P      P N N 72  
DG OP1    O N N 73  
DG OP2    O N N 74  
DG "O5'"  O N N 75  
DG "C5'"  C N N 76  
DG "C4'"  C N R 77  
DG "O4'"  O N N 78  
DG "C3'"  C N S 79  
DG "O3'"  O N N 80  
DG "C2'"  C N N 81  
DG "C1'"  C N R 82  
DG N9     N Y N 83  
DG C8     C Y N 84  
DG N7     N Y N 85  
DG C5     C Y N 86  
DG C6     C N N 87  
DG O6     O N N 88  
DG N1     N N N 89  
DG C2     C N N 90  
DG N2     N N N 91  
DG N3     N N N 92  
DG C4     C Y N 93  
DG HOP3   H N N 94  
DG HOP2   H N N 95  
DG "H5'"  H N N 96  
DG "H5''" H N N 97  
DG "H4'"  H N N 98  
DG "H3'"  H N N 99  
DG "HO3'" H N N 100 
DG "H2'"  H N N 101 
DG "H2''" H N N 102 
DG "H1'"  H N N 103 
DG H8     H N N 104 
DG H1     H N N 105 
DG H21    H N N 106 
DG H22    H N N 107 
DT OP3    O N N 108 
DT P      P N N 109 
DT OP1    O N N 110 
DT OP2    O N N 111 
DT "O5'"  O N N 112 
DT "C5'"  C N N 113 
DT "C4'"  C N R 114 
DT "O4'"  O N N 115 
DT "C3'"  C N S 116 
DT "O3'"  O N N 117 
DT "C2'"  C N N 118 
DT "C1'"  C N R 119 
DT N1     N N N 120 
DT C2     C N N 121 
DT O2     O N N 122 
DT N3     N N N 123 
DT C4     C N N 124 
DT O4     O N N 125 
DT C5     C N N 126 
DT C7     C N N 127 
DT C6     C N N 128 
DT HOP3   H N N 129 
DT HOP2   H N N 130 
DT "H5'"  H N N 131 
DT "H5''" H N N 132 
DT "H4'"  H N N 133 
DT "H3'"  H N N 134 
DT "HO3'" H N N 135 
DT "H2'"  H N N 136 
DT "H2''" H N N 137 
DT "H1'"  H N N 138 
DT H3     H N N 139 
DT H71    H N N 140 
DT H72    H N N 141 
DT H73    H N N 142 
DT H6     H N N 143 
K  K      K N N 144 
# 
loop_
_chem_comp_bond.comp_id 
_chem_comp_bond.atom_id_1 
_chem_comp_bond.atom_id_2 
_chem_comp_bond.value_order 
_chem_comp_bond.pdbx_aromatic_flag 
_chem_comp_bond.pdbx_stereo_config 
_chem_comp_bond.pdbx_ordinal 
DA OP3   P      sing N N 1   
DA OP3   HOP3   sing N N 2   
DA P     OP1    doub N N 3   
DA P     OP2    sing N N 4   
DA P     "O5'"  sing N N 5   
DA OP2   HOP2   sing N N 6   
DA "O5'" "C5'"  sing N N 7   
DA "C5'" "C4'"  sing N N 8   
DA "C5'" "H5'"  sing N N 9   
DA "C5'" "H5''" sing N N 10  
DA "C4'" "O4'"  sing N N 11  
DA "C4'" "C3'"  sing N N 12  
DA "C4'" "H4'"  sing N N 13  
DA "O4'" "C1'"  sing N N 14  
DA "C3'" "O3'"  sing N N 15  
DA "C3'" "C2'"  sing N N 16  
DA "C3'" "H3'"  sing N N 17  
DA "O3'" "HO3'" sing N N 18  
DA "C2'" "C1'"  sing N N 19  
DA "C2'" "H2'"  sing N N 20  
DA "C2'" "H2''" sing N N 21  
DA "C1'" N9     sing N N 22  
DA "C1'" "H1'"  sing N N 23  
DA N9    C8     sing Y N 24  
DA N9    C4     sing Y N 25  
DA C8    N7     doub Y N 26  
DA C8    H8     sing N N 27  
DA N7    C5     sing Y N 28  
DA C5    C6     sing Y N 29  
DA C5    C4     doub Y N 30  
DA C6    N6     sing N N 31  
DA C6    N1     doub Y N 32  
DA N6    H61    sing N N 33  
DA N6    H62    sing N N 34  
DA N1    C2     sing Y N 35  
DA C2    N3     doub Y N 36  
DA C2    H2     sing N N 37  
DA N3    C4     sing Y N 38  
DC OP3   P      sing N N 39  
DC OP3   HOP3   sing N N 40  
DC P     OP1    doub N N 41  
DC P     OP2    sing N N 42  
DC P     "O5'"  sing N N 43  
DC OP2   HOP2   sing N N 44  
DC "O5'" "C5'"  sing N N 45  
DC "C5'" "C4'"  sing N N 46  
DC "C5'" "H5'"  sing N N 47  
DC "C5'" "H5''" sing N N 48  
DC "C4'" "O4'"  sing N N 49  
DC "C4'" "C3'"  sing N N 50  
DC "C4'" "H4'"  sing N N 51  
DC "O4'" "C1'"  sing N N 52  
DC "C3'" "O3'"  sing N N 53  
DC "C3'" "C2'"  sing N N 54  
DC "C3'" "H3'"  sing N N 55  
DC "O3'" "HO3'" sing N N 56  
DC "C2'" "C1'"  sing N N 57  
DC "C2'" "H2'"  sing N N 58  
DC "C2'" "H2''" sing N N 59  
DC "C1'" N1     sing N N 60  
DC "C1'" "H1'"  sing N N 61  
DC N1    C2     sing N N 62  
DC N1    C6     sing N N 63  
DC C2    O2     doub N N 64  
DC C2    N3     sing N N 65  
DC N3    C4     doub N N 66  
DC C4    N4     sing N N 67  
DC C4    C5     sing N N 68  
DC N4    H41    sing N N 69  
DC N4    H42    sing N N 70  
DC C5    C6     doub N N 71  
DC C5    H5     sing N N 72  
DC C6    H6     sing N N 73  
DG OP3   P      sing N N 74  
DG OP3   HOP3   sing N N 75  
DG P     OP1    doub N N 76  
DG P     OP2    sing N N 77  
DG P     "O5'"  sing N N 78  
DG OP2   HOP2   sing N N 79  
DG "O5'" "C5'"  sing N N 80  
DG "C5'" "C4'"  sing N N 81  
DG "C5'" "H5'"  sing N N 82  
DG "C5'" "H5''" sing N N 83  
DG "C4'" "O4'"  sing N N 84  
DG "C4'" "C3'"  sing N N 85  
DG "C4'" "H4'"  sing N N 86  
DG "O4'" "C1'"  sing N N 87  
DG "C3'" "O3'"  sing N N 88  
DG "C3'" "C2'"  sing N N 89  
DG "C3'" "H3'"  sing N N 90  
DG "O3'" "HO3'" sing N N 91  
DG "C2'" "C1'"  sing N N 92  
DG "C2'" "H2'"  sing N N 93  
DG "C2'" "H2''" sing N N 94  
DG "C1'" N9     sing N N 95  
DG "C1'" "H1'"  sing N N 96  
DG N9    C8     sing Y N 97  
DG N9    C4     sing Y N 98  
DG C8    N7     doub Y N 99  
DG C8    H8     sing N N 100 
DG N7    C5     sing Y N 101 
DG C5    C6     sing N N 102 
DG C5    C4     doub Y N 103 
DG C6    O6     doub N N 104 
DG C6    N1     sing N N 105 
DG N1    C2     sing N N 106 
DG N1    H1     sing N N 107 
DG C2    N2     sing N N 108 
DG C2    N3     doub N N 109 
DG N2    H21    sing N N 110 
DG N2    H22    sing N N 111 
DG N3    C4     sing N N 112 
DT OP3   P      sing N N 113 
DT OP3   HOP3   sing N N 114 
DT P     OP1    doub N N 115 
DT P     OP2    sing N N 116 
DT P     "O5'"  sing N N 117 
DT OP2   HOP2   sing N N 118 
DT "O5'" "C5'"  sing N N 119 
DT "C5'" "C4'"  sing N N 120 
DT "C5'" "H5'"  sing N N 121 
DT "C5'" "H5''" sing N N 122 
DT "C4'" "O4'"  sing N N 123 
DT "C4'" "C3'"  sing N N 124 
DT "C4'" "H4'"  sing N N 125 
DT "O4'" "C1'"  sing N N 126 
DT "C3'" "O3'"  sing N N 127 
DT "C3'" "C2'"  sing N N 128 
DT "C3'" "H3'"  sing N N 129 
DT "O3'" "HO3'" sing N N 130 
DT "C2'" "C1'"  sing N N 131 
DT "C2'" "H2'"  sing N N 132 
DT "C2'" "H2''" sing N N 133 
DT "C1'" N1     sing N N 134 
DT "C1'" "H1'"  sing N N 135 
DT N1    C2     sing N N 136 
DT N1    C6     sing N N 137 
DT C2    O2     doub N N 138 
DT C2    N3     sing N N 139 
DT N3    C4     sing N N 140 
DT N3    H3     sing N N 141 
DT C4    O4     doub N N 142 
DT C4    C5     sing N N 143 
DT C5    C7     sing N N 144 
DT C5    C6     doub N N 145 
DT C7    H71    sing N N 146 
DT C7    H72    sing N N 147 
DT C7    H73    sing N N 148 
DT C6    H6     sing N N 149 
# 
loop_
_ndb_struct_conf_na.entry_id 
_ndb_struct_conf_na.feature 
5DWX 'double helix'    
5DWX 'quadruple helix' 
# 
loop_
_ndb_struct_na_base_pair.model_number 
_ndb_struct_na_base_pair.i_label_asym_id 
_ndb_struct_na_base_pair.i_label_comp_id 
_ndb_struct_na_base_pair.i_label_seq_id 
_ndb_struct_na_base_pair.i_symmetry 
_ndb_struct_na_base_pair.j_label_asym_id 
_ndb_struct_na_base_pair.j_label_comp_id 
_ndb_struct_na_base_pair.j_label_seq_id 
_ndb_struct_na_base_pair.j_symmetry 
_ndb_struct_na_base_pair.shear 
_ndb_struct_na_base_pair.stretch 
_ndb_struct_na_base_pair.stagger 
_ndb_struct_na_base_pair.buckle 
_ndb_struct_na_base_pair.propeller 
_ndb_struct_na_base_pair.opening 
_ndb_struct_na_base_pair.pair_number 
_ndb_struct_na_base_pair.pair_name 
_ndb_struct_na_base_pair.i_auth_asym_id 
_ndb_struct_na_base_pair.i_auth_seq_id 
_ndb_struct_na_base_pair.i_PDB_ins_code 
_ndb_struct_na_base_pair.j_auth_asym_id 
_ndb_struct_na_base_pair.j_auth_seq_id 
_ndb_struct_na_base_pair.j_PDB_ins_code 
_ndb_struct_na_base_pair.hbond_type_28 
_ndb_struct_na_base_pair.hbond_type_12 
1 A DG 5  1_555 A DG 9  1_555 1.372  3.505  -0.231 9.788   -4.101  -90.341 1  A_DG5:DG9_A   A 5  ? A 9  ? 6  3 
1 A DG 6  1_555 A DG 10 1_555 1.543  3.701  -0.183 3.633   -6.351  -89.274 2  A_DG6:DG10_A  A 6  ? A 10 ? 6  3 
1 A DG 2  1_555 A DG 14 1_555 -1.388 -3.322 0.143  8.748   1.419   90.864  3  A_DG2:DG14_A  A 2  ? A 14 ? 6  3 
1 A DG 1  1_555 A DG 13 1_555 -1.483 -3.525 0.234  4.753   -2.633  90.334  4  A_DG1:DG13_A  A 1  ? A 13 ? 6  3 
1 A DG 11 1_555 A DG 15 1_555 1.896  3.007  0.200  6.849   -7.307  -88.779 5  A_DG11:DG15_A A 11 ? A 15 ? 6  3 
1 B DT 7  1_555 A DA 18 1_555 1.059  1.418  -0.246 -4.667  17.419  -99.806 6  B_DT7:DA18_A  B 7  ? A 18 ? ?  ? 
1 B DA 8  1_555 A DT 17 1_555 -0.313 -0.470 0.340  -16.280 -12.552 11.116  7  B_DA8:DT17_A  B 8  ? A 17 ? 20 1 
1 A DG 19 1_555 B DC 6  1_555 -0.109 -0.096 -0.399 -17.965 2.200   3.468   8  A_DG19:DC6_B  A 19 ? B 6  ? 19 1 
1 A DC 20 1_555 B DG 5  1_555 -0.303 -0.263 -0.680 7.143   -12.592 5.778   9  A_DC20:DG5_B  A 20 ? B 5  ? 19 1 
1 A DG 1  1_555 A DG 5  7_555 1.489  3.629  0.777  -0.545  -9.275  -89.684 10 A_DG1:DG5_A   A 1  ? A 5  ? 6  3 
1 A DG 13 1_555 A DG 9  7_555 -1.538 -3.502 0.344  -6.183  -5.263  89.490  11 A_DG13:DG9_A  A 13 ? A 9  ? 6  3 
# 
loop_
_ndb_struct_na_base_pair_step.model_number 
_ndb_struct_na_base_pair_step.i_label_asym_id_1 
_ndb_struct_na_base_pair_step.i_label_comp_id_1 
_ndb_struct_na_base_pair_step.i_label_seq_id_1 
_ndb_struct_na_base_pair_step.i_symmetry_1 
_ndb_struct_na_base_pair_step.j_label_asym_id_1 
_ndb_struct_na_base_pair_step.j_label_comp_id_1 
_ndb_struct_na_base_pair_step.j_label_seq_id_1 
_ndb_struct_na_base_pair_step.j_symmetry_1 
_ndb_struct_na_base_pair_step.i_label_asym_id_2 
_ndb_struct_na_base_pair_step.i_label_comp_id_2 
_ndb_struct_na_base_pair_step.i_label_seq_id_2 
_ndb_struct_na_base_pair_step.i_symmetry_2 
_ndb_struct_na_base_pair_step.j_label_asym_id_2 
_ndb_struct_na_base_pair_step.j_label_comp_id_2 
_ndb_struct_na_base_pair_step.j_label_seq_id_2 
_ndb_struct_na_base_pair_step.j_symmetry_2 
_ndb_struct_na_base_pair_step.shift 
_ndb_struct_na_base_pair_step.slide 
_ndb_struct_na_base_pair_step.rise 
_ndb_struct_na_base_pair_step.tilt 
_ndb_struct_na_base_pair_step.roll 
_ndb_struct_na_base_pair_step.twist 
_ndb_struct_na_base_pair_step.x_displacement 
_ndb_struct_na_base_pair_step.y_displacement 
_ndb_struct_na_base_pair_step.helical_rise 
_ndb_struct_na_base_pair_step.inclination 
_ndb_struct_na_base_pair_step.tip 
_ndb_struct_na_base_pair_step.helical_twist 
_ndb_struct_na_base_pair_step.step_number 
_ndb_struct_na_base_pair_step.step_name 
_ndb_struct_na_base_pair_step.i_auth_asym_id_1 
_ndb_struct_na_base_pair_step.i_auth_seq_id_1 
_ndb_struct_na_base_pair_step.i_PDB_ins_code_1 
_ndb_struct_na_base_pair_step.j_auth_asym_id_1 
_ndb_struct_na_base_pair_step.j_auth_seq_id_1 
_ndb_struct_na_base_pair_step.j_PDB_ins_code_1 
_ndb_struct_na_base_pair_step.i_auth_asym_id_2 
_ndb_struct_na_base_pair_step.i_auth_seq_id_2 
_ndb_struct_na_base_pair_step.i_PDB_ins_code_2 
_ndb_struct_na_base_pair_step.j_auth_asym_id_2 
_ndb_struct_na_base_pair_step.j_auth_seq_id_2 
_ndb_struct_na_base_pair_step.j_PDB_ins_code_2 
1 A DG 5  1_555 A DG 9  1_555 A DG 6  1_555 A DG 10 1_555 -0.410 -0.704 3.342  -0.762   -1.820  29.956   -0.975 0.629  3.387  
-3.516  1.472   30.019   1 AA_DG5DG6:DG10DG9_AA   A 5  ? A 9  ? A 6  ? A 10 ? 
1 A DG 6  1_555 A DG 10 1_555 A DG 2  1_555 A DG 14 1_555 -1.476 -3.503 0.111  -2.865   8.566   179.996  -1.751 0.738  0.111  
4.283   1.432   179.996  2 AA_DG6DG2:DG14DG10_AA  A 6  ? A 10 ? A 2  ? A 14 ? 
1 A DG 2  1_555 A DG 14 1_555 A DG 1  1_555 A DG 13 1_555 0.490  0.892  -3.170 -5.629   -4.600  -29.949  -2.519 1.950  -2.867 
8.740   -10.694 -30.799  3 AA_DG2DG1:DG13DG14_AA  A 2  ? A 14 ? A 1  ? A 13 ? 
1 A DG 11 1_555 A DG 15 1_555 B DT 7  1_555 A DA 18 1_555 -1.153 2.459  2.889  134.375  96.738  39.428   0.341  1.826  1.453  
51.155  -71.057 166.424  4 AB_DG11DT7:DA18DG15_AA A 11 ? A 15 ? B 7  ? A 18 ? 
1 B DT 7  1_555 A DA 18 1_555 B DA 8  1_555 A DT 17 1_555 -0.254 -0.369 -3.733 13.791   8.582   -19.010  3.679  -5.128 -2.588 
-21.573 34.669  -24.956  5 BB_DT7DA8:DT17DA18_AA  B 7  ? A 18 ? B 8  ? A 17 ? 
1 B DA 8  1_555 A DT 17 1_555 A DG 19 1_555 B DC 6  1_555 2.297  2.758  -1.271 -138.771 111.051 -107.042 -1.147 1.438  -0.980 
-55.664 -69.559 -178.653 6 BA_DA8DG19:DC6DT17_BA  B 8  ? A 17 ? A 19 ? B 6  ? 
1 A DG 19 1_555 B DC 6  1_555 A DC 20 1_555 B DG 5  1_555 -0.689 0.547  2.776  3.433    2.902   29.006   0.551  1.985  2.719  
5.750   -6.802  29.345   7 AA_DG19DC20:DG5DC6_BB  A 19 ? B 6  ? A 20 ? B 5  ? 
1 A DG 1  1_555 A DG 5  7_555 A DG 13 1_555 A DG 9  7_555 1.422  3.519  -0.003 2.521    -0.729  -179.877 -1.759 0.711  -0.003 
0.364   1.260   -179.877 8 AA_DG1DG13:DG9DG5_AA   A 1  ? A 5  ? A 13 ? A 9  ? 
# 
_pdbx_initial_refinement_model.id               1 
_pdbx_initial_refinement_model.entity_id_list   ? 
_pdbx_initial_refinement_model.type             'experimental model' 
_pdbx_initial_refinement_model.source_name      PDB 
_pdbx_initial_refinement_model.accession_code   1KF1 
_pdbx_initial_refinement_model.details          ? 
# 
_atom_sites.entry_id                    5DWX 
_atom_sites.fract_transf_matrix[1][1]   -0.00163041 
_atom_sites.fract_transf_matrix[1][2]   -0.00069663 
_atom_sites.fract_transf_matrix[1][3]   0.01661970 
_atom_sites.fract_transf_matrix[2][1]   -0.01171039 
_atom_sites.fract_transf_matrix[2][2]   0.01190808 
_atom_sites.fract_transf_matrix[2][3]   -0.00064967 
_atom_sites.fract_transf_matrix[3][1]   -0.00977464 
_atom_sites.fract_transf_matrix[3][2]   -0.00968683 
_atom_sites.fract_transf_matrix[3][3]   -0.00136493 
_atom_sites.fract_transf_vector[1]      0.168566 
_atom_sites.fract_transf_vector[2]      0.187173 
_atom_sites.fract_transf_vector[3]      0.127898 
# 
loop_
_atom_type.symbol 
C 
K 
N 
O 
P 
# 
loop_
_atom_site.group_PDB 
_atom_site.id 
_atom_site.type_symbol 
_atom_site.label_atom_id 
_atom_site.label_alt_id 
_atom_site.label_comp_id 
_atom_site.label_asym_id 
_atom_site.label_entity_id 
_atom_site.label_seq_id 
_atom_site.pdbx_PDB_ins_code 
_atom_site.Cartn_x 
_atom_site.Cartn_y 
_atom_site.Cartn_z 
_atom_site.occupancy 
_atom_site.B_iso_or_equiv 
_atom_site.pdbx_formal_charge 
_atom_site.auth_seq_id 
_atom_site.auth_comp_id 
_atom_site.auth_asym_id 
_atom_site.auth_atom_id 
_atom_site.pdbx_PDB_model_num 
ATOM   1   O "O5'" . DG A 1 1  ? 7.653   1.117   10.895  1.00 43.58  ? 1   DG A "O5'" 1 
ATOM   2   C "C5'" . DG A 1 1  ? 7.780   2.346   11.684  1.00 40.47  ? 1   DG A "C5'" 1 
ATOM   3   C "C4'" . DG A 1 1  ? 6.748   3.408   11.353  1.00 29.37  ? 1   DG A "C4'" 1 
ATOM   4   O "O4'" . DG A 1 1  ? 6.978   3.936   10.028  1.00 33.52  ? 1   DG A "O4'" 1 
ATOM   5   C "C3'" . DG A 1 1  ? 5.273   2.997   11.402  1.00 26.70  ? 1   DG A "C3'" 1 
ATOM   6   O "O3'" . DG A 1 1  ? 4.452   3.924   12.119  1.00 37.75  ? 1   DG A "O3'" 1 
ATOM   7   C "C2'" . DG A 1 1  ? 4.808   3.082   9.963   1.00 25.48  ? 1   DG A "C2'" 1 
ATOM   8   C "C1'" . DG A 1 1  ? 5.744   4.085   9.343   1.00 26.01  ? 1   DG A "C1'" 1 
ATOM   9   N N9    . DG A 1 1  ? 5.984   3.823   7.932   1.00 22.00  ? 1   DG A N9    1 
ATOM   10  C C8    . DG A 1 1  ? 6.865   2.913   7.406   1.00 20.69  ? 1   DG A C8    1 
ATOM   11  N N7    . DG A 1 1  ? 6.915   2.944   6.102   1.00 20.58  ? 1   DG A N7    1 
ATOM   12  C C5    . DG A 1 1  ? 5.971   3.897   5.746   1.00 23.18  ? 1   DG A C5    1 
ATOM   13  C C6    . DG A 1 1  ? 5.547   4.339   4.467   1.00 29.27  ? 1   DG A C6    1 
ATOM   14  O O6    . DG A 1 1  ? 5.917   3.950   3.350   1.00 34.38  ? 1   DG A O6    1 
ATOM   15  N N1    . DG A 1 1  ? 4.570   5.320   4.566   1.00 31.63  ? 1   DG A N1    1 
ATOM   16  C C2    . DG A 1 1  ? 4.077   5.824   5.739   1.00 25.95  ? 1   DG A C2    1 
ATOM   17  N N2    . DG A 1 1  ? 3.187   6.812   5.625   1.00 28.87  ? 1   DG A N2    1 
ATOM   18  N N3    . DG A 1 1  ? 4.426   5.389   6.934   1.00 34.16  ? 1   DG A N3    1 
ATOM   19  C C4    . DG A 1 1  ? 5.373   4.432   6.864   1.00 23.61  ? 1   DG A C4    1 
ATOM   20  P P     . DG A 1 2  ? 2.938   3.533   12.531  1.00 41.18  ? 2   DG A P     1 
ATOM   21  O OP1   . DG A 1 2  ? 2.532   4.397   13.663  1.00 38.38  ? 2   DG A OP1   1 
ATOM   22  O OP2   . DG A 1 2  ? 2.847   2.055   12.662  1.00 39.49  ? 2   DG A OP2   1 
ATOM   23  O "O5'" . DG A 1 2  ? 2.083   3.988   11.271  1.00 35.56  ? 2   DG A "O5'" 1 
ATOM   24  C "C5'" . DG A 1 2  ? 1.142   5.049   11.440  1.00 38.22  ? 2   DG A "C5'" 1 
ATOM   25  C "C4'" . DG A 1 2  ? 0.247   5.155   10.232  1.00 34.55  ? 2   DG A "C4'" 1 
ATOM   26  O "O4'" . DG A 1 2  ? 0.983   4.894   9.018   1.00 39.44  ? 2   DG A "O4'" 1 
ATOM   27  C "C3'" . DG A 1 2  ? -0.945  4.197   10.221  1.00 37.24  ? 2   DG A "C3'" 1 
ATOM   28  O "O3'" . DG A 1 2  ? -2.116  5.003   10.036  1.00 43.54  ? 2   DG A "O3'" 1 
ATOM   29  C "C2'" . DG A 1 2  ? -0.654  3.270   9.052   1.00 33.28  ? 2   DG A "C2'" 1 
ATOM   30  C "C1'" . DG A 1 2  ? 0.124   4.190   8.148   1.00 33.32  ? 2   DG A "C1'" 1 
ATOM   31  N N9    . DG A 1 2  ? 0.939   3.546   7.128   1.00 33.33  ? 2   DG A N9    1 
ATOM   32  C C8    . DG A 1 2  ? 1.809   2.496   7.292   1.00 31.34  ? 2   DG A C8    1 
ATOM   33  N N7    . DG A 1 2  ? 2.379   2.128   6.178   1.00 31.69  ? 2   DG A N7    1 
ATOM   34  C C5    . DG A 1 2  ? 1.906   3.032   5.236   1.00 31.32  ? 2   DG A C5    1 
ATOM   35  C C6    . DG A 1 2  ? 2.181   3.143   3.851   1.00 32.36  ? 2   DG A C6    1 
ATOM   36  O O6    . DG A 1 2  ? 2.928   2.445   3.155   1.00 37.80  ? 2   DG A O6    1 
ATOM   37  N N1    . DG A 1 2  ? 1.458   4.175   3.267   1.00 31.79  ? 2   DG A N1    1 
ATOM   38  C C2    . DG A 1 2  ? 0.575   4.986   3.926   1.00 28.26  ? 2   DG A C2    1 
ATOM   39  N N2    . DG A 1 2  ? 0.004   5.945   3.195   1.00 29.13  ? 2   DG A N2    1 
ATOM   40  N N3    . DG A 1 2  ? 0.321   4.906   5.217   1.00 38.87  ? 2   DG A N3    1 
ATOM   41  C C4    . DG A 1 2  ? 1.006   3.904   5.803   1.00 33.79  ? 2   DG A C4    1 
ATOM   42  P P     . DG A 1 3  ? -3.554  4.369   10.176  1.00 46.68  ? 3   DG A P     1 
ATOM   43  O OP1   . DG A 1 3  ? -4.347  5.217   11.118  1.00 30.56  ? 3   DG A OP1   1 
ATOM   44  O OP2   . DG A 1 3  ? -3.368  2.931   10.437  1.00 36.44  ? 3   DG A OP2   1 
ATOM   45  O "O5'" . DG A 1 3  ? -4.133  4.524   8.699   1.00 35.87  ? 3   DG A "O5'" 1 
ATOM   46  C "C5'" . DG A 1 3  ? -3.690  5.613   7.874   1.00 34.84  ? 3   DG A "C5'" 1 
ATOM   47  C "C4'" . DG A 1 3  ? -4.623  5.789   6.701   1.00 34.14  ? 3   DG A "C4'" 1 
ATOM   48  O "O4'" . DG A 1 3  ? -3.988  5.267   5.508   1.00 36.00  ? 3   DG A "O4'" 1 
ATOM   49  C "C3'" . DG A 1 3  ? -5.888  4.969   6.813   1.00 28.73  ? 3   DG A "C3'" 1 
ATOM   50  O "O3'" . DG A 1 3  ? -6.746  5.399   5.755   1.00 30.16  ? 3   DG A "O3'" 1 
ATOM   51  C "C2'" . DG A 1 3  ? -5.352  3.600   6.436   1.00 31.26  ? 3   DG A "C2'" 1 
ATOM   52  C "C1'" . DG A 1 3  ? -4.520  3.979   5.219   1.00 29.31  ? 3   DG A "C1'" 1 
ATOM   53  N N9    . DG A 1 3  ? -3.402  3.115   4.866   1.00 29.32  ? 3   DG A N9    1 
ATOM   54  C C8    . DG A 1 3  ? -2.566  2.438   5.720   1.00 28.85  ? 3   DG A C8    1 
ATOM   55  N N7    . DG A 1 3  ? -1.551  1.885   5.112   1.00 28.03  ? 3   DG A N7    1 
ATOM   56  C C5    . DG A 1 3  ? -1.703  2.257   3.782   1.00 29.06  ? 3   DG A C5    1 
ATOM   57  C C6    . DG A 1 3  ? -0.879  2.002   2.652   1.00 30.51  ? 3   DG A C6    1 
ATOM   58  O O6    . DG A 1 3  ? 0.184   1.375   2.595   1.00 29.27  ? 3   DG A O6    1 
ATOM   59  N N1    . DG A 1 3  ? -1.398  2.582   1.501   1.00 31.79  ? 3   DG A N1    1 
ATOM   60  C C2    . DG A 1 3  ? -2.527  3.355   1.449   1.00 27.33  ? 3   DG A C2    1 
ATOM   61  N N2    . DG A 1 3  ? -2.872  3.806   0.238   1.00 27.29  ? 3   DG A N2    1 
ATOM   62  N N3    . DG A 1 3  ? -3.297  3.610   2.493   1.00 27.08  ? 3   DG A N3    1 
ATOM   63  C C4    . DG A 1 3  ? -2.836  3.022   3.616   1.00 27.89  ? 3   DG A C4    1 
ATOM   64  P P     . DT A 1 4  ? -7.646  6.710   5.883   1.00 38.78  ? 4   DT A P     1 
ATOM   65  O OP1   . DT A 1 4  ? -8.176  6.785   7.261   1.00 32.17  ? 4   DT A OP1   1 
ATOM   66  O OP2   . DT A 1 4  ? -8.573  6.733   4.719   1.00 31.50  ? 4   DT A OP2   1 
ATOM   67  O "O5'" . DT A 1 4  ? -6.601  7.888   5.664   1.00 34.68  ? 4   DT A "O5'" 1 
ATOM   68  C "C5'" . DT A 1 4  ? -6.451  8.496   4.368   1.00 37.49  ? 4   DT A "C5'" 1 
ATOM   69  C "C4'" . DT A 1 4  ? -5.780  9.842   4.508   1.00 41.20  ? 4   DT A "C4'" 1 
ATOM   70  O "O4'" . DT A 1 4  ? -6.794  10.846  4.759   1.00 50.05  ? 4   DT A "O4'" 1 
ATOM   71  C "C3'" . DT A 1 4  ? -4.792  9.949   5.669   1.00 39.27  ? 4   DT A "C3'" 1 
ATOM   72  O "O3'" . DT A 1 4  ? -3.680  10.786  5.304   1.00 44.19  ? 4   DT A "O3'" 1 
ATOM   73  C "C2'" . DT A 1 4  ? -5.656  10.486  6.795   1.00 36.65  ? 4   DT A "C2'" 1 
ATOM   74  C "C1'" . DT A 1 4  ? -6.645  11.381  6.068   1.00 43.28  ? 4   DT A "C1'" 1 
ATOM   75  N N1    . DT A 1 4  ? -7.988  11.485  6.672   1.00 47.49  ? 4   DT A N1    1 
ATOM   76  C C2    . DT A 1 4  ? -8.340  12.698  7.214   1.00 60.29  ? 4   DT A C2    1 
ATOM   77  O O2    . DT A 1 4  ? -7.568  13.638  7.302   1.00 65.18  ? 4   DT A O2    1 
ATOM   78  N N3    . DT A 1 4  ? -9.631  12.765  7.673   1.00 56.09  ? 4   DT A N3    1 
ATOM   79  C C4    . DT A 1 4  ? -10.572 11.755  7.667   1.00 53.70  ? 4   DT A C4    1 
ATOM   80  O O4    . DT A 1 4  ? -11.691 11.958  8.134   1.00 58.82  ? 4   DT A O4    1 
ATOM   81  C C5    . DT A 1 4  ? -10.151 10.527  7.039   1.00 58.88  ? 4   DT A C5    1 
ATOM   82  C C7    . DT A 1 4  ? -11.126 9.397   6.931   1.00 58.83  ? 4   DT A C7    1 
ATOM   83  C C6    . DT A 1 4  ? -8.901  10.461  6.559   1.00 54.49  ? 4   DT A C6    1 
ATOM   84  P P     . DG A 1 5  ? -2.194  10.584  5.964   1.00 40.89  ? 5   DG A P     1 
ATOM   85  O OP1   . DG A 1 5  ? -1.958  9.151   6.228   1.00 45.64  ? 5   DG A OP1   1 
ATOM   86  O OP2   . DG A 1 5  ? -2.049  11.566  7.057   1.00 39.65  ? 5   DG A OP2   1 
ATOM   87  O "O5'" . DG A 1 5  ? -1.217  10.929  4.754   1.00 47.02  ? 5   DG A "O5'" 1 
ATOM   88  C "C5'" . DG A 1 5  ? -1.351  12.170  4.031   1.00 37.31  ? 5   DG A "C5'" 1 
ATOM   89  C "C4'" . DG A 1 5  ? -1.198  11.939  2.547   1.00 31.33  ? 5   DG A "C4'" 1 
ATOM   90  O "O4'" . DG A 1 5  ? 0.056   11.259  2.290   1.00 31.63  ? 5   DG A "O4'" 1 
ATOM   91  C "C3'" . DG A 1 5  ? -2.285  11.076  1.902   1.00 29.37  ? 5   DG A "C3'" 1 
ATOM   92  O "O3'" . DG A 1 5  ? -2.549  11.574  0.596   1.00 32.50  ? 5   DG A "O3'" 1 
ATOM   93  C "C2'" . DG A 1 5  ? -1.618  9.724   1.749   1.00 33.54  ? 5   DG A "C2'" 1 
ATOM   94  C "C1'" . DG A 1 5  ? -0.184  10.117  1.480   1.00 29.56  ? 5   DG A "C1'" 1 
ATOM   95  N N9    . DG A 1 5  ? 0.803   9.114   1.836   1.00 22.28  ? 5   DG A N9    1 
ATOM   96  C C8    . DG A 1 5  ? 1.268   8.857   3.102   1.00 25.66  ? 5   DG A C8    1 
ATOM   97  N N7    . DG A 1 5  ? 2.321   8.087   3.113   1.00 22.17  ? 5   DG A N7    1 
ATOM   98  C C5    . DG A 1 5  ? 2.596   7.866   1.772   1.00 20.69  ? 5   DG A C5    1 
ATOM   99  C C6    . DG A 1 5  ? 3.640   7.136   1.160   1.00 23.96  ? 5   DG A C6    1 
ATOM   100 O O6    . DG A 1 5  ? 4.550   6.493   1.697   1.00 30.26  ? 5   DG A O6    1 
ATOM   101 N N1    . DG A 1 5  ? 3.561   7.200   -0.227  1.00 20.15  ? 5   DG A N1    1 
ATOM   102 C C2    . DG A 1 5  ? 2.642   7.931   -0.930  1.00 18.09  ? 5   DG A C2    1 
ATOM   103 N N2    . DG A 1 5  ? 2.738   7.870   -2.256  1.00 22.78  ? 5   DG A N2    1 
ATOM   104 N N3    . DG A 1 5  ? 1.682   8.641   -0.372  1.00 22.15  ? 5   DG A N3    1 
ATOM   105 C C4    . DG A 1 5  ? 1.692   8.529   0.972   1.00 21.64  ? 5   DG A C4    1 
ATOM   106 P P     . DG A 1 6  ? -3.866  11.167  -0.190  1.00 37.10  ? 6   DG A P     1 
ATOM   107 O OP1   . DG A 1 6  ? -4.273  12.339  -1.009  1.00 41.27  ? 6   DG A OP1   1 
ATOM   108 O OP2   . DG A 1 6  ? -4.808  10.538  0.756   1.00 34.19  ? 6   DG A OP2   1 
ATOM   109 O "O5'" . DG A 1 6  ? -3.359  10.094  -1.246  1.00 31.02  ? 6   DG A "O5'" 1 
ATOM   110 C "C5'" . DG A 1 6  ? -2.766  10.577  -2.456  1.00 29.46  ? 6   DG A "C5'" 1 
ATOM   111 C "C4'" . DG A 1 6  ? -2.463  9.426   -3.378  1.00 26.25  ? 6   DG A "C4'" 1 
ATOM   112 O "O4'" . DG A 1 6  ? -1.378  8.626   -2.847  1.00 29.58  ? 6   DG A "O4'" 1 
ATOM   113 C "C3'" . DG A 1 6  ? -3.625  8.457   -3.565  1.00 30.47  ? 6   DG A "C3'" 1 
ATOM   114 O "O3'" . DG A 1 6  ? -3.464  7.958   -4.887  1.00 39.69  ? 6   DG A "O3'" 1 
ATOM   115 C "C2'" . DG A 1 6  ? -3.299  7.350   -2.582  1.00 26.64  ? 6   DG A "C2'" 1 
ATOM   116 C "C1'" . DG A 1 6  ? -1.808  7.278   -2.788  1.00 23.33  ? 6   DG A "C1'" 1 
ATOM   117 N N9    . DG A 1 6  ? -1.054  6.612   -1.742  1.00 19.71  ? 6   DG A N9    1 
ATOM   118 C C8    . DG A 1 6  ? -1.275  6.639   -0.389  1.00 21.47  ? 6   DG A C8    1 
ATOM   119 N N7    . DG A 1 6  ? -0.414  5.924   0.282   1.00 24.29  ? 6   DG A N7    1 
ATOM   120 C C5    . DG A 1 6  ? 0.433   5.408   -0.689  1.00 18.45  ? 6   DG A C5    1 
ATOM   121 C C6    . DG A 1 6  ? 1.526   4.529   -0.570  1.00 19.58  ? 6   DG A C6    1 
ATOM   122 O O6    . DG A 1 6  ? 2.057   4.094   0.454   1.00 27.94  ? 6   DG A O6    1 
ATOM   123 N N1    . DG A 1 6  ? 2.036   4.179   -1.811  1.00 23.79  ? 6   DG A N1    1 
ATOM   124 C C2    . DG A 1 6  ? 1.562   4.627   -3.011  1.00 20.17  ? 6   DG A C2    1 
ATOM   125 N N2    . DG A 1 6  ? 2.205   4.199   -4.096  1.00 25.40  ? 6   DG A N2    1 
ATOM   126 N N3    . DG A 1 6  ? 0.526   5.424   -3.139  1.00 23.96  ? 6   DG A N3    1 
ATOM   127 C C4    . DG A 1 6  ? 0.025   5.790   -1.944  1.00 19.96  ? 6   DG A C4    1 
ATOM   128 P P     . DG A 1 7  ? -4.687  7.451   -5.702  1.00 40.44  ? 7   DG A P     1 
ATOM   129 O OP1   . DG A 1 7  ? -5.119  8.567   -6.588  1.00 31.22  ? 7   DG A OP1   1 
ATOM   130 O OP2   . DG A 1 7  ? -5.639  6.861   -4.729  1.00 40.78  ? 7   DG A OP2   1 
ATOM   131 O "O5'" . DG A 1 7  ? -4.028  6.284   -6.563  1.00 31.15  ? 7   DG A "O5'" 1 
ATOM   132 C "C5'" . DG A 1 7  ? -2.616  6.301   -6.797  1.00 33.97  ? 7   DG A "C5'" 1 
ATOM   133 C "C4'" . DG A 1 7  ? -2.146  5.010   -7.427  1.00 38.03  ? 7   DG A "C4'" 1 
ATOM   134 O "O4'" . DG A 1 7  ? -1.388  4.217   -6.471  1.00 38.61  ? 7   DG A "O4'" 1 
ATOM   135 C "C3'" . DG A 1 7  ? -3.248  4.078   -7.896  1.00 30.62  ? 7   DG A "C3'" 1 
ATOM   136 O "O3'" . DG A 1 7  ? -2.623  3.186   -8.828  1.00 32.65  ? 7   DG A "O3'" 1 
ATOM   137 C "C2'" . DG A 1 7  ? -3.541  3.314   -6.617  1.00 32.02  ? 7   DG A "C2'" 1 
ATOM   138 C "C1'" . DG A 1 7  ? -2.117  3.032   -6.156  1.00 30.84  ? 7   DG A "C1'" 1 
ATOM   139 N N9    . DG A 1 7  ? -1.880  2.719   -4.746  1.00 26.12  ? 7   DG A N9    1 
ATOM   140 C C8    . DG A 1 7  ? -2.480  3.289   -3.652  1.00 23.97  ? 7   DG A C8    1 
ATOM   141 N N7    . DG A 1 7  ? -1.936  2.924   -2.522  1.00 24.78  ? 7   DG A N7    1 
ATOM   142 C C5    . DG A 1 7  ? -0.878  2.107   -2.896  1.00 24.73  ? 7   DG A C5    1 
ATOM   143 C C6    . DG A 1 7  ? 0.090   1.431   -2.106  1.00 26.21  ? 7   DG A C6    1 
ATOM   144 O O6    . DG A 1 7  ? 0.251   1.468   -0.877  1.00 26.38  ? 7   DG A O6    1 
ATOM   145 N N1    . DG A 1 7  ? 0.960   0.685   -2.894  1.00 23.69  ? 7   DG A N1    1 
ATOM   146 C C2    . DG A 1 7  ? 0.953   0.660   -4.266  1.00 23.17  ? 7   DG A C2    1 
ATOM   147 N N2    . DG A 1 7  ? 1.891   -0.097  -4.848  1.00 25.84  ? 7   DG A N2    1 
ATOM   148 N N3    . DG A 1 7  ? 0.041   1.257   -5.010  1.00 25.93  ? 7   DG A N3    1 
ATOM   149 C C4    . DG A 1 7  ? -0.842  1.955   -4.264  1.00 26.32  ? 7   DG A C4    1 
ATOM   150 P P     . DT A 1 8  ? -2.524  3.527   -10.396 1.00 38.03  ? 8   DT A P     1 
ATOM   151 O OP1   . DT A 1 8  ? -3.648  4.423   -10.762 1.00 32.27  ? 8   DT A OP1   1 
ATOM   152 O OP2   . DT A 1 8  ? -2.260  2.261   -11.125 1.00 33.15  ? 8   DT A OP2   1 
ATOM   153 O "O5'" . DT A 1 8  ? -1.196  4.391   -10.521 1.00 35.05  ? 8   DT A "O5'" 1 
ATOM   154 C "C5'" . DT A 1 8  ? 0.093   3.778   -10.655 1.00 34.47  ? 8   DT A "C5'" 1 
ATOM   155 C "C4'" . DT A 1 8  ? 1.117   4.855   -10.922 1.00 32.50  ? 8   DT A "C4'" 1 
ATOM   156 O "O4'" . DT A 1 8  ? 1.072   5.171   -12.335 1.00 42.02  ? 8   DT A "O4'" 1 
ATOM   157 C "C3'" . DT A 1 8  ? 0.844   6.174   -10.193 1.00 31.28  ? 8   DT A "C3'" 1 
ATOM   158 O "O3'" . DT A 1 8  ? 2.086   6.824   -9.900  1.00 32.90  ? 8   DT A "O3'" 1 
ATOM   159 C "C2'" . DT A 1 8  ? 0.001   6.943   -11.190 1.00 29.08  ? 8   DT A "C2'" 1 
ATOM   160 C "C1'" . DT A 1 8  ? 0.587   6.493   -12.523 1.00 35.32  ? 8   DT A "C1'" 1 
ATOM   161 N N1    . DT A 1 8  ? -0.351  6.473   -13.657 1.00 41.98  ? 8   DT A N1    1 
ATOM   162 C C2    . DT A 1 8  ? -0.127  7.379   -14.664 1.00 48.79  ? 8   DT A C2    1 
ATOM   163 O O2    . DT A 1 8  ? 0.788   8.182   -14.642 1.00 47.14  ? 8   DT A O2    1 
ATOM   164 N N3    . DT A 1 8  ? -1.014  7.306   -15.707 1.00 50.13  ? 8   DT A N3    1 
ATOM   165 C C4    . DT A 1 8  ? -2.102  6.466   -15.820 1.00 50.64  ? 8   DT A C4    1 
ATOM   166 O O4    . DT A 1 8  ? -2.827  6.531   -16.809 1.00 59.70  ? 8   DT A O4    1 
ATOM   167 C C5    . DT A 1 8  ? -2.283  5.544   -14.725 1.00 56.32  ? 8   DT A C5    1 
ATOM   168 C C7    . DT A 1 8  ? -3.416  4.569   -14.778 1.00 51.96  ? 8   DT A C7    1 
ATOM   169 C C6    . DT A 1 8  ? -1.393  5.576   -13.722 1.00 52.98  ? 8   DT A C6    1 
ATOM   170 P P     . DG A 1 9  ? 2.240   7.875   -8.672  1.00 37.60  ? 9   DG A P     1 
ATOM   171 O OP1   . DG A 1 9  ? 1.225   7.584   -7.635  1.00 29.95  ? 9   DG A OP1   1 
ATOM   172 O OP2   . DG A 1 9  ? 2.328   9.235   -9.241  1.00 32.34  ? 9   DG A OP2   1 
ATOM   173 O "O5'" . DG A 1 9  ? 3.697   7.530   -8.137  1.00 33.77  ? 9   DG A "O5'" 1 
ATOM   174 C "C5'" . DG A 1 9  ? 4.826   7.626   -9.030  1.00 27.59  ? 9   DG A "C5'" 1 
ATOM   175 C "C4'" . DG A 1 9  ? 5.760   6.459   -8.832  1.00 24.60  ? 9   DG A "C4'" 1 
ATOM   176 O "O4'" . DG A 1 9  ? 6.156   6.395   -7.442  1.00 26.04  ? 9   DG A "O4'" 1 
ATOM   177 C "C3'" . DG A 1 9  ? 5.151   5.096   -9.145  1.00 27.86  ? 9   DG A "C3'" 1 
ATOM   178 O "O3'" . DG A 1 9  ? 6.188   4.276   -9.682  1.00 34.41  ? 9   DG A "O3'" 1 
ATOM   179 C "C2'" . DG A 1 9  ? 4.682   4.611   -7.784  1.00 28.76  ? 9   DG A "C2'" 1 
ATOM   180 C "C1'" . DG A 1 9  ? 5.782   5.143   -6.888  1.00 25.86  ? 9   DG A "C1'" 1 
ATOM   181 N N9    . DG A 1 9  ? 5.445   5.354   -5.484  1.00 24.55  ? 9   DG A N9    1 
ATOM   182 C C8    . DG A 1 9  ? 4.630   6.330   -4.966  1.00 25.87  ? 9   DG A C8    1 
ATOM   183 N N7    . DG A 1 9  ? 4.599   6.329   -3.661  1.00 22.14  ? 9   DG A N7    1 
ATOM   184 C C5    . DG A 1 9  ? 5.552   5.389   -3.299  1.00 25.64  ? 9   DG A C5    1 
ATOM   185 C C6    . DG A 1 9  ? 6.022   5.000   -2.017  1.00 31.07  ? 9   DG A C6    1 
ATOM   186 O O6    . DG A 1 9  ? 5.662   5.404   -0.905  1.00 33.45  ? 9   DG A O6    1 
ATOM   187 N N1    . DG A 1 9  ? 6.962   3.982   -2.108  1.00 33.96  ? 9   DG A N1    1 
ATOM   188 C C2    . DG A 1 9  ? 7.450   3.462   -3.276  1.00 27.77  ? 9   DG A C2    1 
ATOM   189 N N2    . DG A 1 9  ? 8.393   2.527   -3.149  1.00 30.74  ? 9   DG A N2    1 
ATOM   190 N N3    . DG A 1 9  ? 7.024   3.813   -4.475  1.00 29.44  ? 9   DG A N3    1 
ATOM   191 C C4    . DG A 1 9  ? 6.061   4.756   -4.411  1.00 26.48  ? 9   DG A C4    1 
ATOM   192 P P     . DG A 1 10 ? 5.858   2.898   -10.426 1.00 31.72  ? 10  DG A P     1 
ATOM   193 O OP1   . DG A 1 10 ? 6.845   2.752   -11.524 1.00 42.21  ? 10  DG A OP1   1 
ATOM   194 O OP2   . DG A 1 10 ? 4.426   2.840   -10.690 1.00 29.90  ? 10  DG A OP2   1 
ATOM   195 O "O5'" . DG A 1 10 ? 6.221   1.795   -9.346  1.00 28.37  ? 10  DG A "O5'" 1 
ATOM   196 C "C5'" . DG A 1 10 ? 7.596   1.665   -8.954  1.00 33.34  ? 10  DG A "C5'" 1 
ATOM   197 C "C4'" . DG A 1 10 ? 7.762   0.502   -8.008  1.00 34.20  ? 10  DG A "C4'" 1 
ATOM   198 O "O4'" . DG A 1 10 ? 7.437   0.914   -6.656  1.00 33.87  ? 10  DG A "O4'" 1 
ATOM   199 C "C3'" . DG A 1 10 ? 6.851   -0.687  -8.314  1.00 33.59  ? 10  DG A "C3'" 1 
ATOM   200 O "O3'" . DG A 1 10 ? 7.623   -1.862  -8.061  1.00 52.05  ? 10  DG A "O3'" 1 
ATOM   201 C "C2'" . DG A 1 10 ? 5.730   -0.523  -7.308  1.00 32.10  ? 10  DG A "C2'" 1 
ATOM   202 C "C1'" . DG A 1 10 ? 6.517   -0.019  -6.120  1.00 31.45  ? 10  DG A "C1'" 1 
ATOM   203 N N9    . DG A 1 10 ? 5.751   0.651   -5.080  1.00 29.30  ? 10  DG A N9    1 
ATOM   204 C C8    . DG A 1 10 ? 4.776   1.600   -5.246  1.00 32.79  ? 10  DG A C8    1 
ATOM   205 N N7    . DG A 1 10 ? 4.310   2.058   -4.118  1.00 38.88  ? 10  DG A N7    1 
ATOM   206 C C5    . DG A 1 10 ? 5.039   1.388   -3.148  1.00 33.77  ? 10  DG A C5    1 
ATOM   207 C C6    . DG A 1 10 ? 4.954   1.444   -1.737  1.00 37.63  ? 10  DG A C6    1 
ATOM   208 O O6    . DG A 1 10 ? 4.234   2.168   -1.036  1.00 40.78  ? 10  DG A O6    1 
ATOM   209 N N1    . DG A 1 10 ? 5.850   0.567   -1.135  1.00 35.45  ? 10  DG A N1    1 
ATOM   210 C C2    . DG A 1 10 ? 6.708   -0.265  -1.806  1.00 28.42  ? 10  DG A C2    1 
ATOM   211 N N2    . DG A 1 10 ? 7.507   -1.026  -1.049  1.00 29.06  ? 10  DG A N2    1 
ATOM   212 N N3    . DG A 1 10 ? 6.780   -0.346  -3.121  1.00 28.96  ? 10  DG A N3    1 
ATOM   213 C C4    . DG A 1 10 ? 5.915   0.495   -3.725  1.00 31.17  ? 10  DG A C4    1 
ATOM   214 P P     . DG A 1 11 ? 7.077   -3.295  -8.464  1.00 52.91  ? 11  DG A P     1 
ATOM   215 O OP1   . DG A 1 11 ? 7.744   -3.680  -9.733  1.00 50.86  ? 11  DG A OP1   1 
ATOM   216 O OP2   . DG A 1 11 ? 5.592   -3.263  -8.385  1.00 37.51  ? 11  DG A OP2   1 
ATOM   217 O "O5'" . DG A 1 11 ? 7.614   -4.214  -7.279  1.00 39.34  ? 11  DG A "O5'" 1 
ATOM   218 C "C5'" . DG A 1 11 ? 8.050   -3.644  -6.038  1.00 39.33  ? 11  DG A "C5'" 1 
ATOM   219 C "C4'" . DG A 1 11 ? 8.035   -4.675  -4.931  1.00 44.62  ? 11  DG A "C4'" 1 
ATOM   220 O "O4'" . DG A 1 11 ? 7.350   -4.121  -3.781  1.00 39.76  ? 11  DG A "O4'" 1 
ATOM   221 C "C3'" . DG A 1 11 ? 7.280   -5.964  -5.246  1.00 41.80  ? 11  DG A "C3'" 1 
ATOM   222 O "O3'" . DG A 1 11 ? 7.643   -7.014  -4.337  1.00 52.75  ? 11  DG A "O3'" 1 
ATOM   223 C "C2'" . DG A 1 11 ? 5.860   -5.572  -4.895  1.00 39.94  ? 11  DG A "C2'" 1 
ATOM   224 C "C1'" . DG A 1 11 ? 6.098   -4.778  -3.619  1.00 33.51  ? 11  DG A "C1'" 1 
ATOM   225 N N9    . DG A 1 11 ? 5.102   -3.763  -3.309  1.00 28.90  ? 11  DG A N9    1 
ATOM   226 C C8    . DG A 1 11 ? 4.472   -2.911  -4.184  1.00 29.73  ? 11  DG A C8    1 
ATOM   227 N N7    . DG A 1 11 ? 3.677   -2.065  -3.589  1.00 28.00  ? 11  DG A N7    1 
ATOM   228 C C5    . DG A 1 11 ? 3.815   -2.357  -2.239  1.00 25.04  ? 11  DG A C5    1 
ATOM   229 C C6    . DG A 1 11 ? 3.212   -1.764  -1.105  1.00 23.49  ? 11  DG A C6    1 
ATOM   230 O O6    . DG A 1 11 ? 2.434   -0.805  -1.055  1.00 31.68  ? 11  DG A O6    1 
ATOM   231 N N1    . DG A 1 11 ? 3.624   -2.380  0.069   1.00 22.95  ? 11  DG A N1    1 
ATOM   232 C C2    . DG A 1 11 ? 4.572   -3.366  0.150   1.00 20.65  ? 11  DG A C2    1 
ATOM   233 N N2    . DG A 1 11 ? 4.867   -3.801  1.379   1.00 22.31  ? 11  DG A N2    1 
ATOM   234 N N3    . DG A 1 11 ? 5.206   -3.862  -0.890  1.00 20.77  ? 11  DG A N3    1 
ATOM   235 C C4    . DG A 1 11 ? 4.720   -3.375  -2.049  1.00 25.89  ? 11  DG A C4    1 
ATOM   236 P P     . DT A 1 12 ? 8.938   -7.946  -4.575  1.00 60.35  ? 12  DT A P     1 
ATOM   237 O OP1   . DT A 1 12 ? 9.125   -8.138  -6.033  1.00 60.98  ? 12  DT A OP1   1 
ATOM   238 O OP2   . DT A 1 12 ? 8.814   -9.122  -3.676  1.00 54.67  ? 12  DT A OP2   1 
ATOM   239 O "O5'" . DT A 1 12 ? 10.154  -7.049  -4.072  1.00 60.20  ? 12  DT A "O5'" 1 
ATOM   240 C "C5'" . DT A 1 12 ? 10.480  -6.963  -2.673  1.00 73.15  ? 12  DT A "C5'" 1 
ATOM   241 C "C4'" . DT A 1 12 ? 11.920  -6.542  -2.492  1.00 82.70  ? 12  DT A "C4'" 1 
ATOM   242 O "O4'" . DT A 1 12 ? 12.782  -7.679  -2.694  1.00 107.43 ? 12  DT A "O4'" 1 
ATOM   243 C "C3'" . DT A 1 12 ? 12.413  -5.477  -3.470  1.00 83.51  ? 12  DT A "C3'" 1 
ATOM   244 O "O3'" . DT A 1 12 ? 12.227  -4.202  -2.850  1.00 63.58  ? 12  DT A "O3'" 1 
ATOM   245 C "C2'" . DT A 1 12 ? 13.879  -5.829  -3.692  1.00 94.84  ? 12  DT A "C2'" 1 
ATOM   246 C "C1'" . DT A 1 12 ? 14.063  -7.228  -3.097  1.00 110.69 ? 12  DT A "C1'" 1 
ATOM   247 N N1    . DT A 1 12 ? 14.625  -8.238  -4.014  1.00 114.64 ? 12  DT A N1    1 
ATOM   248 C C2    . DT A 1 12 ? 14.047  -8.397  -5.254  1.00 114.68 ? 12  DT A C2    1 
ATOM   249 O O2    . DT A 1 12 ? 13.130  -7.702  -5.654  1.00 120.00 ? 12  DT A O2    1 
ATOM   250 N N3    . DT A 1 12 ? 14.603  -9.391  -6.021  1.00 95.51  ? 12  DT A N3    1 
ATOM   251 C C4    . DT A 1 12 ? 15.648  -10.226 -5.676  1.00 101.16 ? 12  DT A C4    1 
ATOM   252 O O4    . DT A 1 12 ? 16.058  -11.057 -6.482  1.00 85.58  ? 12  DT A O4    1 
ATOM   253 C C5    . DT A 1 12 ? 16.178  -10.033 -4.342  1.00 107.54 ? 12  DT A C5    1 
ATOM   254 C C7    . DT A 1 12 ? 17.295  -10.909 -3.868  1.00 87.23  ? 12  DT A C7    1 
ATOM   255 C C6    . DT A 1 12 ? 15.634  -9.074  -3.583  1.00 116.23 ? 12  DT A C6    1 
ATOM   256 P P     . DG A 1 13 ? 12.451  -2.842  -3.668  1.00 64.43  ? 13  DG A P     1 
ATOM   257 O OP1   . DG A 1 13 ? 11.134  -2.428  -4.244  1.00 62.21  ? 13  DG A OP1   1 
ATOM   258 O OP2   . DG A 1 13 ? 13.629  -3.013  -4.558  1.00 65.92  ? 13  DG A OP2   1 
ATOM   259 O "O5'" . DG A 1 13 ? 12.860  -1.811  -2.520  1.00 55.89  ? 13  DG A "O5'" 1 
ATOM   260 C "C5'" . DG A 1 13 ? 14.000  -2.038  -1.664  1.00 41.01  ? 13  DG A "C5'" 1 
ATOM   261 C "C4'" . DG A 1 13 ? 13.631  -1.832  -0.213  1.00 31.45  ? 13  DG A "C4'" 1 
ATOM   262 O "O4'" . DG A 1 13 ? 12.988  -0.552  -0.065  1.00 32.79  ? 13  DG A "O4'" 1 
ATOM   263 C "C3'" . DG A 1 13 ? 12.674  -2.874  0.377   1.00 26.20  ? 13  DG A "C3'" 1 
ATOM   264 O "O3'" . DG A 1 13 ? 13.302  -3.430  1.519   1.00 35.02  ? 13  DG A "O3'" 1 
ATOM   265 C "C2'" . DG A 1 13 ? 11.452  -2.086  0.803   1.00 26.06  ? 13  DG A "C2'" 1 
ATOM   266 C "C1'" . DG A 1 13 ? 11.944  -0.653  0.880   1.00 25.98  ? 13  DG A "C1'" 1 
ATOM   267 N N9    . DG A 1 13 ? 10.925  0.323   0.517   1.00 23.80  ? 13  DG A N9    1 
ATOM   268 C C8    . DG A 1 13 ? 10.544  0.690   -0.750  1.00 22.92  ? 13  DG A C8    1 
ATOM   269 N N7    . DG A 1 13 ? 9.542   1.526   -0.761  1.00 21.65  ? 13  DG A N7    1 
ATOM   270 C C5    . DG A 1 13 ? 9.243   1.718   0.580   1.00 24.83  ? 13  DG A C5    1 
ATOM   271 C C6    . DG A 1 13 ? 8.250   2.523   1.195   1.00 32.77  ? 13  DG A C6    1 
ATOM   272 O O6    . DG A 1 13 ? 7.402   3.253   0.660   1.00 37.76  ? 13  DG A O6    1 
ATOM   273 N N1    . DG A 1 13 ? 8.251   2.364   2.575   1.00 30.92  ? 13  DG A N1    1 
ATOM   274 C C2    . DG A 1 13 ? 9.129   1.586   3.278   1.00 25.09  ? 13  DG A C2    1 
ATOM   275 N N2    . DG A 1 13 ? 9.015   1.629   4.607   1.00 26.11  ? 13  DG A N2    1 
ATOM   276 N N3    . DG A 1 13 ? 10.057  0.830   2.722   1.00 29.03  ? 13  DG A N3    1 
ATOM   277 C C4    . DG A 1 13 ? 10.046  0.931   1.376   1.00 25.90  ? 13  DG A C4    1 
ATOM   278 P P     . DG A 1 14 ? 12.679  -4.677  2.277   1.00 45.44  ? 14  DG A P     1 
ATOM   279 O OP1   . DG A 1 14 ? 13.706  -5.171  3.243   1.00 46.21  ? 14  DG A OP1   1 
ATOM   280 O OP2   . DG A 1 14 ? 12.073  -5.586  1.275   1.00 44.19  ? 14  DG A OP2   1 
ATOM   281 O "O5'" . DG A 1 14 ? 11.532  -4.024  3.161   1.00 40.31  ? 14  DG A "O5'" 1 
ATOM   282 C "C5'" . DG A 1 14 ? 11.826  -3.604  4.498   1.00 40.02  ? 14  DG A "C5'" 1 
ATOM   283 C "C4'" . DG A 1 14 ? 10.549  -3.503  5.296   1.00 43.76  ? 14  DG A "C4'" 1 
ATOM   284 O "O4'" . DG A 1 14 ? 9.766   -2.385  4.813   1.00 41.39  ? 14  DG A "O4'" 1 
ATOM   285 C "C3'" . DG A 1 14 ? 9.625   -4.732  5.272   1.00 35.33  ? 14  DG A "C3'" 1 
ATOM   286 O "O3'" . DG A 1 14 ? 9.226   -4.946  6.630   1.00 49.03  ? 14  DG A "O3'" 1 
ATOM   287 C "C2'" . DG A 1 14 ? 8.448   -4.284  4.426   1.00 31.81  ? 14  DG A "C2'" 1 
ATOM   288 C "C1'" . DG A 1 14 ? 8.414   -2.794  4.717   1.00 36.36  ? 14  DG A "C1'" 1 
ATOM   289 N N9    . DG A 1 14 ? 7.767   -1.973  3.701   1.00 30.70  ? 14  DG A N9    1 
ATOM   290 C C8    . DG A 1 14 ? 7.991   -1.980  2.347   1.00 30.55  ? 14  DG A C8    1 
ATOM   291 N N7    . DG A 1 14 ? 7.223   -1.148  1.699   1.00 32.78  ? 14  DG A N7    1 
ATOM   292 C C5    . DG A 1 14 ? 6.471   -0.534  2.689   1.00 30.26  ? 14  DG A C5    1 
ATOM   293 C C6    . DG A 1 14 ? 5.431   0.417   2.589   1.00 34.10  ? 14  DG A C6    1 
ATOM   294 O O6    . DG A 1 14 ? 5.006   0.990   1.580   1.00 40.50  ? 14  DG A O6    1 
ATOM   295 N N1    . DG A 1 14 ? 4.895   0.720   3.837   1.00 30.90  ? 14  DG A N1    1 
ATOM   296 C C2    . DG A 1 14 ? 5.313   0.183   5.027   1.00 23.20  ? 14  DG A C2    1 
ATOM   297 N N2    . DG A 1 14 ? 4.684   0.610   6.123   1.00 22.15  ? 14  DG A N2    1 
ATOM   298 N N3    . DG A 1 14 ? 6.293   -0.690  5.134   1.00 28.82  ? 14  DG A N3    1 
ATOM   299 C C4    . DG A 1 14 ? 6.800   -1.029  3.930   1.00 30.29  ? 14  DG A C4    1 
ATOM   300 P P     . DG A 1 15 ? 8.505   -6.280  7.102   1.00 54.03  ? 15  DG A P     1 
ATOM   301 O OP1   . DG A 1 15 ? 9.508   -7.097  7.817   1.00 63.68  ? 15  DG A OP1   1 
ATOM   302 O OP2   . DG A 1 15 ? 7.743   -6.835  5.959   1.00 56.90  ? 15  DG A OP2   1 
ATOM   303 O "O5'" . DG A 1 15 ? 7.422   -5.734  8.130   1.00 47.44  ? 15  DG A "O5'" 1 
ATOM   304 C "C5'" . DG A 1 15 ? 6.939   -4.396  7.957   1.00 40.70  ? 15  DG A "C5'" 1 
ATOM   305 C "C4'" . DG A 1 15 ? 5.752   -4.095  8.840   1.00 42.10  ? 15  DG A "C4'" 1 
ATOM   306 O "O4'" . DG A 1 15 ? 4.916   -3.150  8.133   1.00 39.96  ? 15  DG A "O4'" 1 
ATOM   307 C "C3'" . DG A 1 15 ? 4.819   -5.263  9.109   1.00 39.06  ? 15  DG A "C3'" 1 
ATOM   308 O "O3'" . DG A 1 15 ? 3.870   -4.812  10.078  1.00 53.82  ? 15  DG A "O3'" 1 
ATOM   309 C "C2'" . DG A 1 15 ? 4.066   -5.331  7.799   1.00 40.18  ? 15  DG A "C2'" 1 
ATOM   310 C "C1'" . DG A 1 15 ? 3.830   -3.848  7.530   1.00 32.48  ? 15  DG A "C1'" 1 
ATOM   311 N N9    . DG A 1 15 ? 3.767   -3.444  6.131   1.00 27.02  ? 15  DG A N9    1 
ATOM   312 C C8    . DG A 1 15 ? 4.558   -3.869  5.093   1.00 27.46  ? 15  DG A C8    1 
ATOM   313 N N7    . DG A 1 15 ? 4.290   -3.266  3.966   1.00 25.56  ? 15  DG A N7    1 
ATOM   314 C C5    . DG A 1 15 ? 3.261   -2.392  4.282   1.00 25.28  ? 15  DG A C5    1 
ATOM   315 C C6    . DG A 1 15 ? 2.568   -1.459  3.474   1.00 28.86  ? 15  DG A C6    1 
ATOM   316 O O6    . DG A 1 15 ? 2.768   -1.167  2.288   1.00 32.75  ? 15  DG A O6    1 
ATOM   317 N N1    . DG A 1 15 ? 1.597   -0.779  4.200   1.00 27.52  ? 15  DG A N1    1 
ATOM   318 C C2    . DG A 1 15 ? 1.375   -0.922  5.546   1.00 24.29  ? 15  DG A C2    1 
ATOM   319 N N2    . DG A 1 15 ? 0.396   -0.176  6.067   1.00 27.64  ? 15  DG A N2    1 
ATOM   320 N N3    . DG A 1 15 ? 2.011   -1.786  6.308   1.00 23.94  ? 15  DG A N3    1 
ATOM   321 C C4    . DG A 1 15 ? 2.940   -2.477  5.618   1.00 24.78  ? 15  DG A C4    1 
ATOM   322 P P     . DT A 1 16 ? 3.876   -5.363  11.577  1.00 72.38  ? 16  DT A P     1 
ATOM   323 O OP1   . DT A 1 16 ? 3.663   -4.204  12.480  1.00 63.32  ? 16  DT A OP1   1 
ATOM   324 O OP2   . DT A 1 16 ? 5.099   -6.179  11.757  1.00 71.55  ? 16  DT A OP2   1 
ATOM   325 O "O5'" . DT A 1 16 ? 2.553   -6.264  11.623  1.00 84.16  ? 16  DT A "O5'" 1 
ATOM   326 C "C5'" . DT A 1 16 ? 1.922   -6.813  10.423  1.00 104.88 ? 16  DT A "C5'" 1 
ATOM   327 C "C4'" . DT A 1 16 ? 0.528   -6.255  10.200  1.00 108.06 ? 16  DT A "C4'" 1 
ATOM   328 O "O4'" . DT A 1 16 ? 0.551   -5.329  9.078   1.00 100.05 ? 16  DT A "O4'" 1 
ATOM   329 C "C3'" . DT A 1 16 ? -0.554  -7.286  9.838   1.00 99.21  ? 16  DT A "C3'" 1 
ATOM   330 O "O3'" . DT A 1 16 ? -1.863  -6.871  10.297  1.00 104.97 ? 16  DT A "O3'" 1 
ATOM   331 C "C2'" . DT A 1 16 ? -0.531  -7.246  8.324   1.00 89.38  ? 16  DT A "C2'" 1 
ATOM   332 C "C1'" . DT A 1 16 ? -0.442  -5.747  8.147   1.00 84.48  ? 16  DT A "C1'" 1 
ATOM   333 N N1    . DT A 1 16 ? -0.089  -5.242  6.802   1.00 70.51  ? 16  DT A N1    1 
ATOM   334 C C2    . DT A 1 16 ? -0.776  -4.134  6.362   1.00 68.69  ? 16  DT A C2    1 
ATOM   335 O O2    . DT A 1 16 ? -1.556  -3.513  7.065   1.00 93.49  ? 16  DT A O2    1 
ATOM   336 N N3    . DT A 1 16 ? -0.497  -3.760  5.070   1.00 54.50  ? 16  DT A N3    1 
ATOM   337 C C4    . DT A 1 16 ? 0.362   -4.387  4.189   1.00 50.60  ? 16  DT A C4    1 
ATOM   338 O O4    . DT A 1 16 ? 0.500   -3.945  3.049   1.00 46.91  ? 16  DT A O4    1 
ATOM   339 C C5    . DT A 1 16 ? 1.034   -5.555  4.711   1.00 56.71  ? 16  DT A C5    1 
ATOM   340 C C7    . DT A 1 16 ? 1.987   -6.297  3.828   1.00 73.59  ? 16  DT A C7    1 
ATOM   341 C C6    . DT A 1 16 ? 0.744   -5.945  5.959   1.00 58.28  ? 16  DT A C6    1 
ATOM   342 P P     . DT A 1 17 ? -3.245  -7.560  9.724   0.75 98.38  ? 17  DT A P     1 
ATOM   343 O OP1   . DT A 1 17 ? -4.265  -7.531  10.805  0.75 91.44  ? 17  DT A OP1   1 
ATOM   344 O OP2   . DT A 1 17 ? -2.906  -8.854  9.074   0.75 91.54  ? 17  DT A OP2   1 
ATOM   345 O "O5'" . DT A 1 17 ? -3.747  -6.549  8.597   0.75 99.43  ? 17  DT A "O5'" 1 
ATOM   346 C "C5'" . DT A 1 17 ? -4.863  -5.663  8.839   0.75 92.14  ? 17  DT A "C5'" 1 
ATOM   347 C "C4'" . DT A 1 17 ? -5.130  -4.773  7.645   0.75 84.67  ? 17  DT A "C4'" 1 
ATOM   348 O "O4'" . DT A 1 17 ? -4.249  -5.106  6.548   0.75 71.95  ? 17  DT A "O4'" 1 
ATOM   349 C "C3'" . DT A 1 17 ? -6.552  -4.863  7.074   0.75 90.04  ? 17  DT A "C3'" 1 
ATOM   350 O "O3'" . DT A 1 17 ? -7.379  -3.707  7.298   0.75 86.75  ? 17  DT A "O3'" 1 
ATOM   351 C "C2'" . DT A 1 17 ? -6.347  -5.075  5.580   0.75 87.56  ? 17  DT A "C2'" 1 
ATOM   352 C "C1'" . DT A 1 17 ? -4.900  -4.678  5.377   0.75 70.27  ? 17  DT A "C1'" 1 
ATOM   353 N N1    . DT A 1 17 ? -4.228  -5.294  4.219   0.75 73.50  ? 17  DT A N1    1 
ATOM   354 C C2    . DT A 1 17 ? -4.351  -4.653  3.007   0.75 73.49  ? 17  DT A C2    1 
ATOM   355 O O2    . DT A 1 17 ? -4.982  -3.620  2.863   0.75 72.97  ? 17  DT A O2    1 
ATOM   356 N N3    . DT A 1 17 ? -3.700  -5.266  1.966   0.75 74.15  ? 17  DT A N3    1 
ATOM   357 C C4    . DT A 1 17 ? -2.955  -6.429  2.017   0.75 82.88  ? 17  DT A C4    1 
ATOM   358 O O4    . DT A 1 17 ? -2.404  -6.848  1.002   0.75 84.52  ? 17  DT A O4    1 
ATOM   359 C C5    . DT A 1 17 ? -2.873  -7.053  3.319   0.75 83.97  ? 17  DT A C5    1 
ATOM   360 C C7    . DT A 1 17 ? -2.087  -8.316  3.471   0.75 87.34  ? 17  DT A C7    1 
ATOM   361 C C6    . DT A 1 17 ? -3.528  -6.476  4.336   0.75 82.05  ? 17  DT A C6    1 
ATOM   362 P P     . DA A 1 18 ? -6.842  -2.449  8.135   0.75 79.43  ? 18  DA A P     1 
ATOM   363 O OP1   . DA A 1 18 ? -5.735  -2.925  9.006   0.75 68.10  ? 18  DA A OP1   1 
ATOM   364 O OP2   . DA A 1 18 ? -8.011  -1.770  8.747   0.75 66.14  ? 18  DA A OP2   1 
ATOM   365 O "O5'" . DA A 1 18 ? -6.295  -1.467  7.004   0.75 64.25  ? 18  DA A "O5'" 1 
ATOM   366 C "C5'" . DA A 1 18 ? -6.926  -1.413  5.712   0.75 54.05  ? 18  DA A "C5'" 1 
ATOM   367 C "C4'" . DA A 1 18 ? -6.597  -0.116  5.013   0.75 48.02  ? 18  DA A "C4'" 1 
ATOM   368 O "O4'" . DA A 1 18 ? -5.559  -0.316  4.034   0.75 43.68  ? 18  DA A "O4'" 1 
ATOM   369 C "C3'" . DA A 1 18 ? -7.767  0.493   4.236   0.75 51.72  ? 18  DA A "C3'" 1 
ATOM   370 O "O3'" . DA A 1 18 ? -8.336  1.558   4.991   0.75 54.22  ? 18  DA A "O3'" 1 
ATOM   371 C "C2'" . DA A 1 18 ? -7.163  0.960   2.917   0.75 41.71  ? 18  DA A "C2'" 1 
ATOM   372 C "C1'" . DA A 1 18 ? -5.676  0.751   3.114   0.75 44.54  ? 18  DA A "C1'" 1 
ATOM   373 N N9    . DA A 1 18 ? -4.930  0.401   1.911   0.75 41.19  ? 18  DA A N9    1 
ATOM   374 C C8    . DA A 1 18 ? -5.198  0.772   0.615   0.75 43.23  ? 18  DA A C8    1 
ATOM   375 N N7    . DA A 1 18 ? -4.274  0.402   -0.241  0.75 47.44  ? 18  DA A N7    1 
ATOM   376 C C5    . DA A 1 18 ? -3.317  -0.219  0.551   0.75 46.39  ? 18  DA A C5    1 
ATOM   377 C C6    . DA A 1 18 ? -2.100  -0.854  0.242   0.75 48.77  ? 18  DA A C6    1 
ATOM   378 N N6    . DA A 1 18 ? -1.615  -0.957  -0.995  0.75 56.62  ? 18  DA A N6    1 
ATOM   379 N N1    . DA A 1 18 ? -1.398  -1.401  1.261   0.75 44.63  ? 18  DA A N1    1 
ATOM   380 C C2    . DA A 1 18 ? -1.890  -1.300  2.503   0.75 43.88  ? 18  DA A C2    1 
ATOM   381 N N3    . DA A 1 18 ? -3.013  -0.715  2.920   0.75 40.60  ? 18  DA A N3    1 
ATOM   382 C C4    . DA A 1 18 ? -3.696  -0.202  1.881   0.75 43.07  ? 18  DA A C4    1 
ATOM   383 P P     . DG A 1 19 ? -9.483  2.419   4.355   0.75 66.52  ? 19  DG A P     1 
ATOM   384 O OP1   . DG A 1 19 ? -8.858  3.629   3.757   0.75 77.47  ? 19  DG A OP1   1 
ATOM   385 O OP2   . DG A 1 19 ? -10.542 2.571   5.386   0.75 70.32  ? 19  DG A OP2   1 
ATOM   386 O "O5'" . DG A 1 19 ? -9.987  1.508   3.146   0.75 73.64  ? 19  DG A "O5'" 1 
ATOM   387 C "C5'" . DG A 1 19 ? -9.973  2.018   1.796   0.75 85.75  ? 19  DG A "C5'" 1 
ATOM   388 C "C4'" . DG A 1 19 ? -10.502 0.999   0.812   0.75 91.74  ? 19  DG A "C4'" 1 
ATOM   389 O "O4'" . DG A 1 19 ? -9.611  -0.142  0.750   0.75 92.44  ? 19  DG A "O4'" 1 
ATOM   390 C "C3'" . DG A 1 19 ? -11.887 0.427   1.136   0.75 106.88 ? 19  DG A "C3'" 1 
ATOM   391 O "O3'" . DG A 1 19 ? -12.642 0.249   -0.073  0.75 120.00 ? 19  DG A "O3'" 1 
ATOM   392 C "C2'" . DG A 1 19 ? -11.561 -0.923  1.746   0.75 98.12  ? 19  DG A "C2'" 1 
ATOM   393 C "C1'" . DG A 1 19 ? -10.382 -1.323  0.886   0.75 93.61  ? 19  DG A "C1'" 1 
ATOM   394 N N9    . DG A 1 19 ? -9.520  -2.376  1.413   0.75 86.62  ? 19  DG A N9    1 
ATOM   395 C C8    . DG A 1 19 ? -9.334  -2.726  2.730   0.75 84.31  ? 19  DG A C8    1 
ATOM   396 N N7    . DG A 1 19 ? -8.547  -3.757  2.878   0.75 81.52  ? 19  DG A N7    1 
ATOM   397 C C5    . DG A 1 19 ? -8.218  -4.129  1.581   0.75 65.86  ? 19  DG A C5    1 
ATOM   398 C C6    . DG A 1 19 ? -7.384  -5.175  1.108   0.75 63.69  ? 19  DG A C6    1 
ATOM   399 O O6    . DG A 1 19 ? -6.760  -6.022  1.762   0.75 62.98  ? 19  DG A O6    1 
ATOM   400 N N1    . DG A 1 19 ? -7.324  -5.191  -0.282  0.75 58.88  ? 19  DG A N1    1 
ATOM   401 C C2    . DG A 1 19 ? -7.985  -4.318  -1.110  0.75 58.54  ? 19  DG A C2    1 
ATOM   402 N N2    . DG A 1 19 ? -7.804  -4.498  -2.427  0.75 55.17  ? 19  DG A N2    1 
ATOM   403 N N3    . DG A 1 19 ? -8.743  -3.323  -0.681  0.75 60.12  ? 19  DG A N3    1 
ATOM   404 C C4    . DG A 1 19 ? -8.818  -3.291  0.665   0.75 70.19  ? 19  DG A C4    1 
ATOM   405 P P     . DC A 1 20 ? -14.243 0.155   -0.018  0.75 120.00 ? 20  DC A P     1 
ATOM   406 O OP1   . DC A 1 20 ? -14.787 1.520   -0.233  0.75 120.00 ? 20  DC A OP1   1 
ATOM   407 O OP2   . DC A 1 20 ? -14.615 -0.600  1.205   0.75 113.47 ? 20  DC A OP2   1 
ATOM   408 O "O5'" . DC A 1 20 ? -14.610 -0.755  -1.277  0.75 114.80 ? 20  DC A "O5'" 1 
ATOM   409 C "C5'" . DC A 1 20 ? -14.453 -0.286  -2.632  0.75 119.67 ? 20  DC A "C5'" 1 
ATOM   410 C "C4'" . DC A 1 20 ? -13.989 -1.413  -3.529  0.75 120.00 ? 20  DC A "C4'" 1 
ATOM   411 O "O4'" . DC A 1 20 ? -12.914 -2.132  -2.879  0.75 120.00 ? 20  DC A "O4'" 1 
ATOM   412 C "C3'" . DC A 1 20 ? -15.066 -2.450  -3.874  0.75 120.00 ? 20  DC A "C3'" 1 
ATOM   413 O "O3'" . DC A 1 20 ? -15.316 -2.537  -5.283  0.75 99.71  ? 20  DC A "O3'" 1 
ATOM   414 C "C2'" . DC A 1 20 ? -14.523 -3.766  -3.336  0.75 120.00 ? 20  DC A "C2'" 1 
ATOM   415 C "C1'" . DC A 1 20 ? -13.038 -3.514  -3.143  0.75 120.00 ? 20  DC A "C1'" 1 
ATOM   416 N N1    . DC A 1 20 ? -12.444 -4.247  -2.012  0.75 111.03 ? 20  DC A N1    1 
ATOM   417 C C2    . DC A 1 20 ? -11.336 -5.065  -2.247  0.75 105.77 ? 20  DC A C2    1 
ATOM   418 O O2    . DC A 1 20 ? -10.861 -5.114  -3.391  0.75 88.20  ? 20  DC A O2    1 
ATOM   419 N N3    . DC A 1 20 ? -10.819 -5.789  -1.225  0.75 99.66  ? 20  DC A N3    1 
ATOM   420 C C4    . DC A 1 20 ? -11.358 -5.701  -0.006  0.75 91.73  ? 20  DC A C4    1 
ATOM   421 N N4    . DC A 1 20 ? -10.803 -6.416  0.976   0.75 81.80  ? 20  DC A N4    1 
ATOM   422 C C5    . DC A 1 20 ? -12.489 -4.876  0.260   0.75 84.25  ? 20  DC A C5    1 
ATOM   423 C C6    . DC A 1 20 ? -12.999 -4.176  -0.763  0.75 92.59  ? 20  DC A C6    1 
ATOM   424 O "O5'" . DG B 2 5  ? -5.778  -15.702 -4.886  0.75 120.00 ? 5   DG B "O5'" 1 
ATOM   425 C "C5'" . DG B 2 5  ? -6.308  -14.588 -4.144  0.75 120.00 ? 5   DG B "C5'" 1 
ATOM   426 C "C4'" . DG B 2 5  ? -6.184  -13.317 -4.951  0.75 120.00 ? 5   DG B "C4'" 1 
ATOM   427 O "O4'" . DG B 2 5  ? -6.977  -12.275 -4.333  0.75 117.31 ? 5   DG B "O4'" 1 
ATOM   428 C "C3'" . DG B 2 5  ? -4.765  -12.758 -5.049  0.75 114.61 ? 5   DG B "C3'" 1 
ATOM   429 O "O3'" . DG B 2 5  ? -4.563  -12.138 -6.323  0.75 117.54 ? 5   DG B "O3'" 1 
ATOM   430 C "C2'" . DG B 2 5  ? -4.724  -11.725 -3.939  0.75 106.80 ? 5   DG B "C2'" 1 
ATOM   431 C "C1'" . DG B 2 5  ? -6.147  -11.190 -3.942  0.75 103.25 ? 5   DG B "C1'" 1 
ATOM   432 N N9    . DG B 2 5  ? -6.611  -10.720 -2.640  0.75 82.08  ? 5   DG B N9    1 
ATOM   433 C C8    . DG B 2 5  ? -6.176  -11.139 -1.406  0.75 75.85  ? 5   DG B C8    1 
ATOM   434 N N7    . DG B 2 5  ? -6.779  -10.534 -0.418  0.75 73.96  ? 5   DG B N7    1 
ATOM   435 C C5    . DG B 2 5  ? -7.666  -9.665  -1.038  0.75 62.59  ? 5   DG B C5    1 
ATOM   436 C C6    . DG B 2 5  ? -8.591  -8.745  -0.481  0.75 59.76  ? 5   DG B C6    1 
ATOM   437 O O6    . DG B 2 5  ? -8.821  -8.507  0.712   0.75 55.69  ? 5   DG B O6    1 
ATOM   438 N N1    . DG B 2 5  ? -9.291  -8.063  -1.470  0.75 56.10  ? 5   DG B N1    1 
ATOM   439 C C2    . DG B 2 5  ? -9.124  -8.240  -2.821  0.75 58.86  ? 5   DG B C2    1 
ATOM   440 N N2    . DG B 2 5  ? -9.896  -7.485  -3.617  0.75 62.26  ? 5   DG B N2    1 
ATOM   441 N N3    . DG B 2 5  ? -8.265  -9.093  -3.353  0.75 59.24  ? 5   DG B N3    1 
ATOM   442 C C4    . DG B 2 5  ? -7.574  -9.767  -2.410  0.75 67.36  ? 5   DG B C4    1 
ATOM   443 P P     . DC B 2 6  ? -3.078  -11.855 -6.847  0.75 110.97 ? 6   DC B P     1 
ATOM   444 O OP1   . DC B 2 6  ? -3.031  -12.189 -8.297  0.75 91.06  ? 6   DC B OP1   1 
ATOM   445 O OP2   . DC B 2 6  ? -2.128  -12.510 -5.912  0.75 100.40 ? 6   DC B OP2   1 
ATOM   446 O "O5'" . DC B 2 6  ? -2.940  -10.274 -6.698  0.75 110.30 ? 6   DC B "O5'" 1 
ATOM   447 C "C5'" . DC B 2 6  ? -3.541  -9.385  -7.662  0.75 103.70 ? 6   DC B "C5'" 1 
ATOM   448 C "C4'" . DC B 2 6  ? -3.807  -8.022  -7.063  0.75 100.78 ? 6   DC B "C4'" 1 
ATOM   449 O "O4'" . DC B 2 6  ? -4.453  -8.134  -5.771  0.75 100.76 ? 6   DC B "O4'" 1 
ATOM   450 C "C3'" . DC B 2 6  ? -2.577  -7.132  -6.848  0.75 95.75  ? 6   DC B "C3'" 1 
ATOM   451 O "O3'" . DC B 2 6  ? -2.808  -5.837  -7.407  0.75 97.48  ? 6   DC B "O3'" 1 
ATOM   452 C "C2'" . DC B 2 6  ? -2.509  -6.956  -5.340  0.75 95.51  ? 6   DC B "C2'" 1 
ATOM   453 C "C1'" . DC B 2 6  ? -3.971  -7.076  -4.967  0.75 96.27  ? 6   DC B "C1'" 1 
ATOM   454 N N1    . DC B 2 6  ? -4.252  -7.397  -3.557  0.75 91.69  ? 6   DC B N1    1 
ATOM   455 C C2    . DC B 2 6  ? -5.296  -6.722  -2.916  0.75 84.10  ? 6   DC B C2    1 
ATOM   456 O O2    . DC B 2 6  ? -6.004  -5.949  -3.579  0.75 77.86  ? 6   DC B O2    1 
ATOM   457 N N3    . DC B 2 6  ? -5.527  -6.956  -1.603  0.75 77.46  ? 6   DC B N3    1 
ATOM   458 C C4    . DC B 2 6  ? -4.749  -7.807  -0.930  0.75 83.32  ? 6   DC B C4    1 
ATOM   459 N N4    . DC B 2 6  ? -5.022  -8.018  0.361   0.75 79.01  ? 6   DC B N4    1 
ATOM   460 C C5    . DC B 2 6  ? -3.665  -8.491  -1.553  0.75 87.81  ? 6   DC B C5    1 
ATOM   461 C C6    . DC B 2 6  ? -3.440  -8.241  -2.851  0.75 91.80  ? 6   DC B C6    1 
ATOM   462 P P     . DT B 2 7  ? -2.167  -5.435  -8.812  0.75 101.60 ? 7   DT B P     1 
ATOM   463 O OP1   . DT B 2 7  ? -2.705  -6.352  -9.846  0.75 94.76  ? 7   DT B OP1   1 
ATOM   464 O OP2   . DT B 2 7  ? -0.700  -5.321  -8.627  0.75 97.33  ? 7   DT B OP2   1 
ATOM   465 O "O5'" . DT B 2 7  ? -2.767  -3.981  -9.070  0.75 95.41  ? 7   DT B "O5'" 1 
ATOM   466 C "C5'" . DT B 2 7  ? -4.180  -3.720  -8.947  0.75 85.40  ? 7   DT B "C5'" 1 
ATOM   467 C "C4'" . DT B 2 7  ? -4.422  -2.388  -8.273  0.75 90.46  ? 7   DT B "C4'" 1 
ATOM   468 O "O4'" . DT B 2 7  ? -3.900  -2.417  -6.922  0.75 86.54  ? 7   DT B "O4'" 1 
ATOM   469 C "C3'" . DT B 2 7  ? -3.750  -1.185  -8.940  0.75 90.43  ? 7   DT B "C3'" 1 
ATOM   470 O "O3'" . DT B 2 7  ? -4.496  0.034   -8.787  0.75 90.36  ? 7   DT B "O3'" 1 
ATOM   471 C "C2'" . DT B 2 7  ? -2.453  -1.056  -8.163  0.75 82.64  ? 7   DT B "C2'" 1 
ATOM   472 C "C1'" . DT B 2 7  ? -2.940  -1.379  -6.761  0.75 74.12  ? 7   DT B "C1'" 1 
ATOM   473 N N1    . DT B 2 7  ? -1.935  -1.838  -5.777  0.75 61.23  ? 7   DT B N1    1 
ATOM   474 C C2    . DT B 2 7  ? -2.148  -1.471  -4.469  0.75 58.26  ? 7   DT B C2    1 
ATOM   475 O O2    . DT B 2 7  ? -3.056  -0.730  -4.127  0.75 56.89  ? 7   DT B O2    1 
ATOM   476 N N3    . DT B 2 7  ? -1.266  -2.019  -3.569  0.75 52.55  ? 7   DT B N3    1 
ATOM   477 C C4    . DT B 2 7  ? -0.222  -2.882  -3.842  0.75 53.40  ? 7   DT B C4    1 
ATOM   478 O O4    . DT B 2 7  ? 0.490   -3.292  -2.926  0.75 55.99  ? 7   DT B O4    1 
ATOM   479 C C5    . DT B 2 7  ? -0.074  -3.249  -5.231  0.75 49.68  ? 7   DT B C5    1 
ATOM   480 C C7    . DT B 2 7  ? 1.033   -4.176  -5.623  0.75 48.24  ? 7   DT B C7    1 
ATOM   481 C C6    . DT B 2 7  ? -0.939  -2.731  -6.115  0.75 54.23  ? 7   DT B C6    1 
ATOM   482 P P     . DA B 2 8  ? -6.101  0.029   -8.587  0.75 97.67  ? 8   DA B P     1 
ATOM   483 O OP1   . DA B 2 8  ? -6.659  -1.150  -9.297  0.75 106.40 ? 8   DA B OP1   1 
ATOM   484 O OP2   . DA B 2 8  ? -6.605  1.381   -8.944  0.75 89.36  ? 8   DA B OP2   1 
ATOM   485 O "O5'" . DA B 2 8  ? -6.273  -0.196  -7.014  0.75 102.59 ? 8   DA B "O5'" 1 
ATOM   486 C "C5'" . DA B 2 8  ? -6.854  0.811   -6.151  0.75 102.97 ? 8   DA B "C5'" 1 
ATOM   487 C "C4'" . DA B 2 8  ? -7.692  0.166   -5.069  0.75 95.44  ? 8   DA B "C4'" 1 
ATOM   488 O "O4'" . DA B 2 8  ? -7.152  -1.143  -4.768  0.75 105.80 ? 8   DA B "O4'" 1 
ATOM   489 C "C3'" . DA B 2 8  ? -7.746  0.923   -3.738  0.75 95.72  ? 8   DA B "C3'" 1 
ATOM   490 O "O3'" . DA B 2 8  ? -9.082  0.978   -3.214  0.75 72.37  ? 8   DA B "O3'" 1 
ATOM   491 C "C2'" . DA B 2 8  ? -6.820  0.126   -2.833  0.75 107.05 ? 8   DA B "C2'" 1 
ATOM   492 C "C1'" . DA B 2 8  ? -6.976  -1.288  -3.368  0.75 108.37 ? 8   DA B "C1'" 1 
ATOM   493 N N9    . DA B 2 8  ? -5.834  -2.179  -3.150  0.75 89.01  ? 8   DA B N9    1 
ATOM   494 C C8    . DA B 2 8  ? -5.080  -2.804  -4.112  0.75 80.67  ? 8   DA B C8    1 
ATOM   495 N N7    . DA B 2 8  ? -4.149  -3.590  -3.626  0.75 73.11  ? 8   DA B N7    1 
ATOM   496 C C5    . DA B 2 8  ? -4.315  -3.492  -2.252  0.75 62.61  ? 8   DA B C5    1 
ATOM   497 C C6    . DA B 2 8  ? -3.629  -4.077  -1.173  0.75 64.61  ? 8   DA B C6    1 
ATOM   498 N N6    . DA B 2 8  ? -2.597  -4.913  -1.317  0.75 62.96  ? 8   DA B N6    1 
ATOM   499 N N1    . DA B 2 8  ? -4.058  -3.787  0.075   0.75 56.82  ? 8   DA B N1    1 
ATOM   500 C C2    . DA B 2 8  ? -5.105  -2.964  0.218   0.75 66.39  ? 8   DA B C2    1 
ATOM   501 N N3    . DA B 2 8  ? -5.823  -2.344  -0.718  0.75 79.32  ? 8   DA B N3    1 
ATOM   502 C C4    . DA B 2 8  ? -5.366  -2.647  -1.945  0.75 77.23  ? 8   DA B C4    1 
HETATM 503 K K     . K  C 3 .  ? 2.277   1.110   0.809   1.00 27.84  ? 101 K  A K     1 
HETATM 504 K K     . K  D 3 .  ? 4.616   3.537   1.100   1.00 19.22  ? 102 K  A K     1 
HETATM 505 K K     . K  E 3 .  ? 6.965   5.981   1.378   0.50 28.96  ? 103 K  A K     1 
# 
